data_2EAE
#
_entry.id   2EAE
#
_cell.length_a   64.519
_cell.length_b   70.878
_cell.length_c   170.979
_cell.angle_alpha   90.00
_cell.angle_beta   90.00
_cell.angle_gamma   90.00
#
_symmetry.space_group_name_H-M   'P 21 21 21'
#
loop_
_entity.id
_entity.type
_entity.pdbx_description
1 polymer Alpha-fucosidase
2 branched beta-D-galactopyranose-(1-4)-alpha-D-glucopyranose
3 non-polymer alpha-L-fucopyranose
4 non-polymer beta-L-fucopyranose
5 non-polymer 'CALCIUM ION'
6 water water
#
_entity_poly.entity_id   1
_entity_poly.type   'polypeptide(L)'
_entity_poly.pdbx_seq_one_letter_code
;VIASVEDGGDGDTSKDDWLWYKQPASQTDATATAGGNYGNPDNNRWQQTTLPFGNGKIGGTVWGEVSRERVTFNEETLWT
GGPGSSTSYNGGNNETKGQNGATLRALNKQLANGAETVNPGNLTGGENAAEQGNYLNWGDIYLDYGFNDTTVTEYRRDLN
LSKGKADVTFKHDGVTYTREYFASNPDNVMVARLTASKAGKLNFNVSMPTNTNYSKTGETTTVKGDTLTVKGALGNNGLL
YNSQIKVVLDNGEGTLSEGSDGASLKVSDAKAVTLYIAAATDYKQKYPSYRTGETAAEVNTRVAKVVQDAANKGYTAVKK
AHIDDHSAIYDRVKIDLGQSGHSSDGAVATDALLKAYQRGSATTAQKRELETLVYKYGRYLTIGSSRENSQLPSNLQGIW
SVTAGDNAHGNTPWGSDFHMNVNLQMNYWPTYSANMGELAEPLIEYVEGLVKPGRVTAKVYAGAETTNPETTPIGEGEGY
MAHTENTAYGWTAPGQSFSWGWSPAAVPWILQNVYEAYEYSGDPALLDRVYALLKEESHFYVNYMLHKAGSSSGDRLTTG
VAYSPEQGPLGTDGNTYESSLVWQMLNDAIEAAKAKGDPDGLVGNTTDCSADNWAKNDSGNFTDANANRSWSCAKSLLKP
IEVGDSGQIKEWYFEGALGKKKDGSTISGYQADNQHRHMSHLLGLFPGDLITIDNSEYMDAAKTSLRYRCFKGNVLQSNT
GWAIGQRINSWARTGDGNTTYQLVELQLKNAMYANLFDYHAPFQIAGNFGNTSGVDEMLLQSNSTFTDTAGKKYVNYTNI
LPALPDAWAGGSVSGLVARGNFTVGTTWKNGKATEVRLTSNKGKQAAVKITAGGAQNYEVKNGDTAVNAKVVTNADGASL
LVFDTTAGTTYTITKKAS
;
_entity_poly.pdbx_strand_id   A
#
loop_
_chem_comp.id
_chem_comp.type
_chem_comp.name
_chem_comp.formula
CA non-polymer 'CALCIUM ION' 'Ca 2'
FUC L-saccharide, alpha linking alpha-L-fucopyranose 'C6 H12 O5'
FUL L-saccharide, beta linking beta-L-fucopyranose 'C6 H12 O5'
GAL D-saccharide, beta linking beta-D-galactopyranose 'C6 H12 O6'
GLC D-saccharide, alpha linking alpha-D-glucopyranose 'C6 H12 O6'
#
# COMPACT_ATOMS: atom_id res chain seq x y z
N ASP A 12 0.81 -19.27 26.63
CA ASP A 12 0.65 -17.93 27.28
C ASP A 12 0.51 -16.82 26.23
N THR A 13 -0.68 -16.23 26.13
CA THR A 13 -0.92 -15.16 25.15
C THR A 13 -1.06 -13.78 25.81
N SER A 14 -0.70 -13.70 27.09
CA SER A 14 -0.89 -12.48 27.89
C SER A 14 -0.15 -11.25 27.34
N LYS A 15 0.96 -11.48 26.65
CA LYS A 15 1.76 -10.37 26.13
C LYS A 15 1.49 -10.09 24.63
N ASP A 16 0.53 -10.82 24.04
CA ASP A 16 0.20 -10.66 22.63
C ASP A 16 -0.69 -9.42 22.39
N ASP A 17 -0.65 -8.88 21.17
CA ASP A 17 -1.53 -7.75 20.79
C ASP A 17 -2.84 -8.31 20.24
N TRP A 18 -3.96 -7.95 20.87
CA TRP A 18 -5.28 -8.41 20.45
C TRP A 18 -6.20 -7.27 20.03
N LEU A 19 -7.00 -7.51 19.00
CA LEU A 19 -8.27 -6.77 18.81
C LEU A 19 -9.31 -7.75 19.29
N TRP A 20 -10.22 -7.30 20.14
CA TRP A 20 -11.12 -8.28 20.78
C TRP A 20 -12.47 -7.66 21.09
N TYR A 21 -13.51 -8.51 21.03
CA TYR A 21 -14.90 -8.11 21.05
C TYR A 21 -15.66 -9.08 21.94
N LYS A 22 -16.68 -8.55 22.64
CA LYS A 22 -17.50 -9.32 23.57
C LYS A 22 -18.80 -9.86 22.94
N GLN A 23 -18.89 -9.78 21.61
CA GLN A 23 -20.08 -10.18 20.87
C GLN A 23 -19.73 -10.47 19.40
N PRO A 24 -20.54 -11.32 18.71
CA PRO A 24 -20.35 -11.64 17.29
C PRO A 24 -20.39 -10.41 16.37
N ALA A 25 -19.89 -10.58 15.15
CA ALA A 25 -19.95 -9.51 14.14
C ALA A 25 -21.38 -8.94 14.01
N SER A 26 -22.38 -9.83 13.90
CA SER A 26 -23.78 -9.41 13.81
C SER A 26 -24.27 -8.46 14.90
N GLN A 27 -23.65 -8.50 16.09
CA GLN A 27 -24.07 -7.67 17.21
C GLN A 27 -23.06 -6.55 17.53
N THR A 28 -22.06 -6.39 16.68
CA THR A 28 -21.03 -5.33 16.81
C THR A 28 -21.46 -4.04 16.09
N ASP A 29 -21.16 -2.88 16.67
CA ASP A 29 -21.59 -1.58 16.15
C ASP A 29 -21.18 -1.40 14.70
N ALA A 30 -22.15 -1.14 13.82
CA ALA A 30 -21.84 -0.83 12.42
C ALA A 30 -22.48 0.48 11.92
N THR A 31 -22.45 1.50 12.76
CA THR A 31 -23.21 2.72 12.53
C THR A 31 -22.43 3.83 11.88
N ALA A 32 -21.15 3.60 11.61
CA ALA A 32 -20.34 4.56 10.87
C ALA A 32 -20.83 4.66 9.43
N THR A 33 -20.49 5.76 8.76
CA THR A 33 -20.80 5.94 7.35
C THR A 33 -20.47 4.70 6.52
N ALA A 34 -21.49 4.15 5.85
CA ALA A 34 -21.35 2.94 5.03
C ALA A 34 -20.61 3.20 3.72
N GLY A 35 -21.03 4.26 3.01
CA GLY A 35 -20.48 4.59 1.71
C GLY A 35 -21.20 3.92 0.54
N GLY A 36 -20.85 4.35 -0.67
CA GLY A 36 -21.40 3.72 -1.89
C GLY A 36 -21.10 2.23 -1.98
N ASN A 37 -22.06 1.45 -2.48
CA ASN A 37 -21.93 0.00 -2.69
C ASN A 37 -22.18 -0.87 -1.46
N TYR A 38 -22.48 -0.23 -0.34
CA TYR A 38 -22.71 -0.92 0.91
C TYR A 38 -24.06 -0.57 1.52
N GLY A 39 -25.04 -0.28 0.66
CA GLY A 39 -26.44 -0.12 1.11
C GLY A 39 -27.11 -1.39 1.63
N ASN A 40 -26.57 -2.56 1.28
CA ASN A 40 -27.01 -3.81 1.86
C ASN A 40 -26.43 -3.96 3.28
N PRO A 41 -27.30 -4.13 4.28
CA PRO A 41 -26.94 -4.23 5.69
C PRO A 41 -25.89 -5.27 5.97
N ASP A 42 -25.99 -6.42 5.30
CA ASP A 42 -25.06 -7.49 5.56
C ASP A 42 -23.65 -7.15 5.04
N ASN A 43 -23.58 -6.59 3.84
CA ASN A 43 -22.31 -6.09 3.31
C ASN A 43 -21.67 -5.00 4.19
N ASN A 44 -22.49 -4.05 4.64
CA ASN A 44 -22.02 -3.04 5.59
C ASN A 44 -21.51 -3.68 6.89
N ARG A 45 -22.22 -4.68 7.41
CA ARG A 45 -21.78 -5.35 8.62
C ARG A 45 -20.39 -5.98 8.41
N TRP A 46 -20.22 -6.58 7.25
CA TRP A 46 -18.95 -7.22 6.88
C TRP A 46 -17.77 -6.25 7.06
N GLN A 47 -17.87 -5.08 6.43
CA GLN A 47 -16.72 -4.15 6.34
C GLN A 47 -16.40 -3.47 7.66
N GLN A 48 -17.41 -3.28 8.51
CA GLN A 48 -17.22 -2.60 9.80
C GLN A 48 -16.83 -3.51 10.98
N THR A 49 -17.10 -4.82 10.89
CA THR A 49 -17.04 -5.66 12.09
C THR A 49 -16.30 -7.02 12.03
N THR A 50 -15.85 -7.44 10.85
CA THR A 50 -15.25 -8.79 10.75
C THR A 50 -13.72 -8.67 10.86
N LEU A 51 -13.06 -9.77 11.17
CA LEU A 51 -11.64 -9.69 11.49
C LEU A 51 -10.85 -10.41 10.42
N PRO A 52 -9.91 -9.69 9.75
CA PRO A 52 -9.18 -10.28 8.62
C PRO A 52 -7.93 -11.08 9.02
N PHE A 53 -7.68 -12.14 8.23
CA PHE A 53 -6.44 -12.88 8.28
C PHE A 53 -6.09 -13.38 6.88
N GLY A 54 -4.83 -13.68 6.65
CA GLY A 54 -4.46 -14.09 5.32
C GLY A 54 -3.02 -14.59 5.23
N ASN A 55 -2.64 -15.15 4.08
CA ASN A 55 -1.22 -15.54 3.90
C ASN A 55 -0.57 -14.87 2.68
N GLY A 56 -1.14 -13.73 2.28
CA GLY A 56 -0.75 -13.04 1.08
C GLY A 56 -1.45 -13.50 -0.18
N LYS A 57 -2.15 -14.64 -0.12
CA LYS A 57 -2.75 -15.27 -1.28
C LYS A 57 -4.22 -15.56 -1.05
N ILE A 58 -4.53 -16.41 -0.06
CA ILE A 58 -5.91 -16.57 0.43
C ILE A 58 -6.15 -15.76 1.69
N GLY A 59 -7.39 -15.30 1.87
CA GLY A 59 -7.76 -14.60 3.08
C GLY A 59 -9.15 -14.93 3.60
N GLY A 60 -9.31 -14.83 4.91
CA GLY A 60 -10.64 -14.92 5.55
C GLY A 60 -10.96 -13.64 6.28
N THR A 61 -12.26 -13.37 6.45
CA THR A 61 -12.72 -12.39 7.42
C THR A 61 -13.75 -13.08 8.31
N VAL A 62 -13.45 -13.17 9.60
CA VAL A 62 -14.23 -13.95 10.58
C VAL A 62 -15.38 -13.15 11.20
N TRP A 63 -16.56 -13.76 11.20
CA TRP A 63 -17.75 -13.15 11.80
C TRP A 63 -17.90 -13.54 13.29
N GLY A 64 -17.59 -14.80 13.64
CA GLY A 64 -17.68 -15.26 15.05
C GLY A 64 -19.11 -15.48 15.54
N GLU A 65 -19.97 -15.89 14.63
CA GLU A 65 -21.39 -16.14 14.94
C GLU A 65 -21.52 -17.44 15.72
N VAL A 66 -22.43 -17.49 16.68
CA VAL A 66 -22.42 -18.63 17.61
C VAL A 66 -22.91 -19.88 16.88
N SER A 67 -24.00 -19.75 16.14
CA SER A 67 -24.62 -20.91 15.50
C SER A 67 -24.19 -21.10 14.04
N ARG A 68 -24.63 -20.20 13.15
CA ARG A 68 -24.21 -20.24 11.74
C ARG A 68 -22.95 -19.38 11.53
N GLU A 69 -21.79 -19.96 11.88
CA GLU A 69 -20.50 -19.29 11.79
C GLU A 69 -20.18 -19.02 10.33
N ARG A 70 -19.50 -17.90 10.08
CA ARG A 70 -19.21 -17.48 8.73
C ARG A 70 -17.77 -16.97 8.66
N VAL A 71 -17.03 -17.40 7.64
CA VAL A 71 -15.73 -16.82 7.28
C VAL A 71 -15.80 -16.42 5.82
N THR A 72 -15.82 -15.12 5.57
CA THR A 72 -15.86 -14.59 4.23
C THR A 72 -14.50 -14.88 3.57
N PHE A 73 -14.52 -15.38 2.34
CA PHE A 73 -13.33 -16.01 1.74
C PHE A 73 -12.86 -15.33 0.44
N ASN A 74 -11.55 -15.22 0.29
CA ASN A 74 -10.95 -14.53 -0.86
C ASN A 74 -9.75 -15.29 -1.35
N GLU A 75 -9.50 -15.19 -2.64
CA GLU A 75 -8.18 -15.51 -3.22
C GLU A 75 -7.72 -14.34 -4.12
N GLU A 76 -6.47 -13.95 -3.96
CA GLU A 76 -5.94 -12.69 -4.53
C GLU A 76 -6.06 -12.59 -6.06
N THR A 77 -6.09 -13.73 -6.77
CA THR A 77 -6.11 -13.73 -8.23
C THR A 77 -7.48 -13.88 -8.87
N LEU A 78 -8.53 -13.99 -8.06
CA LEU A 78 -9.90 -14.10 -8.63
C LEU A 78 -10.37 -12.77 -9.19
N TRP A 79 -9.99 -12.52 -10.44
CA TRP A 79 -10.17 -11.23 -11.14
C TRP A 79 -10.91 -11.46 -12.45
N THR A 80 -11.96 -10.68 -12.71
CA THR A 80 -12.58 -10.62 -14.05
C THR A 80 -11.79 -9.68 -14.95
N GLY A 81 -12.14 -9.66 -16.23
CA GLY A 81 -11.53 -8.82 -17.24
C GLY A 81 -10.37 -9.51 -17.95
N GLY A 82 -9.66 -8.75 -18.78
CA GLY A 82 -8.43 -9.29 -19.39
C GLY A 82 -8.70 -10.17 -20.62
N PRO A 83 -7.69 -10.91 -21.06
CA PRO A 83 -7.85 -11.74 -22.26
C PRO A 83 -8.89 -12.86 -22.03
N GLY A 84 -9.72 -13.09 -23.04
CA GLY A 84 -10.86 -13.97 -22.89
C GLY A 84 -12.13 -13.26 -22.46
N SER A 85 -12.03 -12.00 -22.01
CA SER A 85 -13.21 -11.19 -21.66
C SER A 85 -13.84 -10.63 -22.94
N SER A 86 -13.07 -10.65 -24.02
CA SER A 86 -13.51 -10.27 -25.36
C SER A 86 -12.52 -10.90 -26.32
N THR A 87 -12.77 -10.81 -27.62
CA THR A 87 -11.82 -11.38 -28.59
C THR A 87 -10.74 -10.37 -29.02
N SER A 88 -10.90 -9.12 -28.61
CA SER A 88 -9.97 -8.06 -28.99
C SER A 88 -9.25 -7.40 -27.78
N TYR A 89 -9.14 -8.10 -26.66
CA TYR A 89 -8.50 -7.53 -25.46
C TYR A 89 -7.09 -7.02 -25.77
N ASN A 90 -6.91 -5.71 -25.54
CA ASN A 90 -5.61 -4.98 -25.76
C ASN A 90 -5.35 -3.96 -24.64
N GLY A 91 -5.62 -4.40 -23.40
CA GLY A 91 -5.35 -3.61 -22.17
C GLY A 91 -6.03 -2.24 -22.08
N GLY A 92 -7.17 -2.08 -22.75
CA GLY A 92 -7.91 -0.82 -22.76
C GLY A 92 -7.48 0.20 -23.77
N ASN A 93 -6.42 -0.10 -24.54
CA ASN A 93 -5.82 0.88 -25.39
C ASN A 93 -6.71 1.18 -26.60
N ASN A 94 -6.95 2.46 -26.87
CA ASN A 94 -7.79 2.83 -28.00
C ASN A 94 -6.91 3.42 -29.07
N GLU A 95 -6.51 2.58 -30.05
CA GLU A 95 -5.60 3.04 -31.12
C GLU A 95 -6.19 4.22 -31.90
N THR A 96 -7.50 4.20 -32.13
CA THR A 96 -8.17 5.23 -32.93
C THR A 96 -8.14 6.62 -32.25
N LYS A 97 -7.99 6.66 -30.93
CA LYS A 97 -7.86 7.89 -30.17
C LYS A 97 -6.42 8.36 -30.03
N GLY A 98 -5.52 7.42 -29.75
CA GLY A 98 -4.14 7.79 -29.48
C GLY A 98 -3.34 8.16 -30.74
N GLN A 99 -3.67 7.50 -31.86
CA GLN A 99 -2.96 7.76 -33.14
C GLN A 99 -1.44 7.70 -33.00
N ASN A 100 -0.95 6.66 -32.32
CA ASN A 100 0.48 6.49 -32.10
C ASN A 100 1.21 7.75 -31.70
N GLY A 101 0.64 8.48 -30.74
CA GLY A 101 1.25 9.70 -30.18
C GLY A 101 0.86 11.00 -30.87
N ALA A 102 0.20 10.87 -32.03
CA ALA A 102 -0.12 12.05 -32.86
C ALA A 102 -1.07 13.02 -32.16
N THR A 103 -2.03 12.46 -31.43
CA THR A 103 -3.03 13.23 -30.68
C THR A 103 -2.33 14.06 -29.61
N LEU A 104 -1.51 13.40 -28.79
CA LEU A 104 -0.72 14.10 -27.77
C LEU A 104 0.24 15.16 -28.34
N ARG A 105 0.92 14.82 -29.45
CA ARG A 105 1.84 15.74 -30.11
C ARG A 105 1.09 17.03 -30.51
N ALA A 106 -0.11 16.89 -31.08
CA ALA A 106 -0.89 18.11 -31.54
C ALA A 106 -1.42 18.92 -30.37
N LEU A 107 -1.97 18.24 -29.34
CA LEU A 107 -2.41 18.94 -28.14
C LEU A 107 -1.24 19.68 -27.49
N ASN A 108 -0.10 19.01 -27.32
CA ASN A 108 1.10 19.72 -26.82
C ASN A 108 1.52 20.97 -27.62
N LYS A 109 1.39 20.91 -28.95
CA LYS A 109 1.72 22.12 -29.74
C LYS A 109 0.78 23.27 -29.46
N GLN A 110 -0.49 22.96 -29.20
CA GLN A 110 -1.47 23.99 -28.78
C GLN A 110 -1.09 24.64 -27.44
N LEU A 111 -0.69 23.80 -26.46
CA LEU A 111 -0.15 24.30 -25.20
C LEU A 111 1.13 25.15 -25.40
N ALA A 112 2.09 24.65 -26.18
CA ALA A 112 3.33 25.36 -26.50
C ALA A 112 3.04 26.73 -27.14
N ASN A 113 1.94 26.81 -27.89
CA ASN A 113 1.48 28.06 -28.55
C ASN A 113 0.67 29.00 -27.63
N GLY A 114 0.62 28.68 -26.34
CA GLY A 114 0.01 29.58 -25.36
C GLY A 114 -1.29 29.20 -24.72
N ALA A 115 -1.97 28.15 -25.23
CA ALA A 115 -3.21 27.69 -24.59
C ALA A 115 -2.98 27.38 -23.09
N GLU A 116 -3.95 27.71 -22.24
CA GLU A 116 -3.87 27.30 -20.83
C GLU A 116 -4.39 25.90 -20.63
N THR A 117 -5.37 25.52 -21.48
CA THR A 117 -5.91 24.16 -21.51
C THR A 117 -6.24 23.81 -22.95
N VAL A 118 -6.42 22.51 -23.16
CA VAL A 118 -6.89 21.93 -24.41
C VAL A 118 -8.04 20.96 -24.16
N ASN A 119 -8.68 20.52 -25.24
CA ASN A 119 -9.69 19.48 -25.16
C ASN A 119 -9.05 18.12 -25.28
N PRO A 120 -8.88 17.41 -24.14
CA PRO A 120 -8.08 16.22 -24.11
C PRO A 120 -8.93 14.96 -24.28
N GLY A 121 -10.15 15.13 -24.81
CA GLY A 121 -11.06 13.99 -25.02
C GLY A 121 -10.55 12.74 -25.72
N ASN A 122 -9.58 12.88 -26.63
CA ASN A 122 -9.01 11.68 -27.24
C ASN A 122 -7.76 11.16 -26.52
N LEU A 123 -7.42 11.77 -25.40
CA LEU A 123 -6.47 11.12 -24.47
C LEU A 123 -7.20 10.30 -23.42
N THR A 124 -7.96 9.30 -23.91
CA THR A 124 -8.81 8.43 -23.13
C THR A 124 -8.78 7.02 -23.71
N GLY A 125 -9.32 6.09 -22.94
CA GLY A 125 -9.30 4.67 -23.29
C GLY A 125 -10.09 3.87 -22.28
N GLY A 126 -9.94 2.56 -22.29
CA GLY A 126 -10.52 1.71 -21.26
C GLY A 126 -12.03 1.74 -21.18
N GLU A 127 -12.68 1.81 -22.34
CA GLU A 127 -14.12 2.03 -22.40
C GLU A 127 -15.02 0.82 -22.05
N ASN A 128 -14.50 -0.40 -22.21
CA ASN A 128 -15.24 -1.62 -21.96
C ASN A 128 -15.07 -2.14 -20.53
N ALA A 129 -16.09 -1.99 -19.68
CA ALA A 129 -16.02 -2.43 -18.28
C ALA A 129 -15.86 -3.94 -18.11
N ALA A 130 -16.35 -4.71 -19.08
CA ALA A 130 -16.19 -6.16 -19.04
C ALA A 130 -14.73 -6.57 -19.29
N GLU A 131 -14.04 -5.78 -20.11
CA GLU A 131 -12.61 -5.99 -20.38
C GLU A 131 -11.76 -5.54 -19.21
N GLN A 132 -12.16 -4.43 -18.60
CA GLN A 132 -11.43 -3.94 -17.40
C GLN A 132 -11.52 -4.97 -16.27
N GLY A 133 -12.74 -5.38 -15.95
CA GLY A 133 -12.97 -6.31 -14.88
C GLY A 133 -12.71 -5.70 -13.51
N ASN A 134 -12.64 -6.57 -12.51
CA ASN A 134 -12.38 -6.18 -11.15
C ASN A 134 -12.04 -7.35 -10.26
N TYR A 135 -11.66 -7.07 -9.01
CA TYR A 135 -11.45 -8.10 -8.00
C TYR A 135 -12.78 -8.62 -7.48
N LEU A 136 -12.86 -9.94 -7.32
CA LEU A 136 -14.06 -10.64 -6.81
C LEU A 136 -13.91 -11.22 -5.43
N ASN A 137 -14.93 -11.00 -4.60
CA ASN A 137 -15.10 -11.85 -3.44
C ASN A 137 -15.33 -13.26 -3.97
N TRP A 138 -14.59 -14.22 -3.40
CA TRP A 138 -14.65 -15.60 -3.87
C TRP A 138 -16.01 -16.18 -3.42
N GLY A 139 -16.25 -16.14 -2.11
CA GLY A 139 -17.53 -16.51 -1.48
C GLY A 139 -17.40 -16.53 0.03
N ASP A 140 -17.96 -17.57 0.67
CA ASP A 140 -17.93 -17.74 2.15
C ASP A 140 -17.77 -19.19 2.55
N ILE A 141 -17.17 -19.43 3.72
CA ILE A 141 -17.18 -20.73 4.39
C ILE A 141 -18.22 -20.63 5.51
N TYR A 142 -19.21 -21.52 5.50
CA TYR A 142 -20.18 -21.60 6.59
C TYR A 142 -20.00 -22.86 7.44
N LEU A 143 -20.00 -22.68 8.77
CA LEU A 143 -19.86 -23.78 9.71
C LEU A 143 -21.07 -23.77 10.64
N ASP A 144 -22.15 -24.43 10.21
CA ASP A 144 -23.45 -24.41 10.90
C ASP A 144 -23.55 -25.43 12.03
N TYR A 145 -23.61 -24.94 13.27
CA TYR A 145 -23.57 -25.77 14.44
C TYR A 145 -24.98 -26.27 14.81
N GLY A 146 -25.97 -25.81 14.06
CA GLY A 146 -27.34 -26.31 14.18
C GLY A 146 -28.15 -25.68 15.29
N PHE A 147 -27.49 -25.30 16.38
CA PHE A 147 -28.11 -24.77 17.62
C PHE A 147 -29.57 -24.30 17.55
N ASN A 148 -30.37 -24.72 18.53
CA ASN A 148 -31.77 -24.29 18.64
C ASN A 148 -31.90 -22.82 19.07
N ASP A 149 -31.09 -22.43 20.06
CA ASP A 149 -30.94 -21.02 20.45
C ASP A 149 -29.49 -20.55 20.31
N THR A 150 -29.30 -19.24 20.20
CA THR A 150 -27.97 -18.66 20.12
C THR A 150 -27.56 -18.02 21.45
N THR A 151 -28.03 -18.59 22.56
CA THR A 151 -27.82 -18.02 23.89
C THR A 151 -26.48 -18.50 24.43
N VAL A 152 -25.60 -17.56 24.78
CA VAL A 152 -24.24 -17.92 25.18
C VAL A 152 -23.75 -17.18 26.41
N THR A 153 -22.71 -17.71 27.05
CA THR A 153 -21.97 -17.00 28.09
C THR A 153 -20.47 -17.13 27.82
N GLU A 154 -19.67 -16.27 28.47
CA GLU A 154 -18.21 -16.25 28.36
C GLU A 154 -17.77 -16.16 26.88
N TYR A 155 -18.52 -15.36 26.12
CA TYR A 155 -18.26 -15.16 24.70
C TYR A 155 -17.11 -14.18 24.48
N ARG A 156 -16.18 -14.55 23.61
CA ARG A 156 -15.16 -13.62 23.11
C ARG A 156 -14.75 -14.00 21.68
N ARG A 157 -14.55 -12.98 20.84
CA ARG A 157 -13.84 -13.16 19.56
C ARG A 157 -12.63 -12.22 19.53
N ASP A 158 -11.53 -12.66 18.91
CA ASP A 158 -10.35 -11.82 18.88
C ASP A 158 -9.57 -12.05 17.62
N LEU A 159 -8.69 -11.09 17.34
CA LEU A 159 -7.69 -11.25 16.34
C LEU A 159 -6.36 -11.05 17.06
N ASN A 160 -5.59 -12.13 17.14
CA ASN A 160 -4.27 -12.11 17.74
C ASN A 160 -3.24 -11.73 16.66
N LEU A 161 -2.84 -10.46 16.68
CA LEU A 161 -1.98 -9.91 15.64
C LEU A 161 -0.61 -10.53 15.75
N SER A 162 -0.24 -10.91 16.98
CA SER A 162 1.10 -11.38 17.31
C SER A 162 1.29 -12.80 16.78
N LYS A 163 0.23 -13.60 16.85
CA LYS A 163 0.31 -14.98 16.36
C LYS A 163 -0.35 -15.16 14.99
N GLY A 164 -0.94 -14.11 14.44
CA GLY A 164 -1.60 -14.20 13.13
C GLY A 164 -2.79 -15.15 13.08
N LYS A 165 -3.67 -15.06 14.07
CA LYS A 165 -4.82 -15.93 14.11
C LYS A 165 -6.03 -15.27 14.76
N ALA A 166 -7.18 -15.76 14.37
CA ALA A 166 -8.47 -15.29 14.86
C ALA A 166 -8.99 -16.38 15.80
N ASP A 167 -9.71 -15.97 16.83
CA ASP A 167 -10.19 -16.88 17.86
C ASP A 167 -11.62 -16.53 18.14
N VAL A 168 -12.41 -17.55 18.47
CA VAL A 168 -13.81 -17.39 18.91
C VAL A 168 -14.03 -18.44 20.00
N THR A 169 -14.59 -18.03 21.13
CA THR A 169 -14.89 -18.94 22.23
C THR A 169 -16.25 -18.53 22.80
N PHE A 170 -17.03 -19.53 23.23
CA PHE A 170 -18.26 -19.29 24.00
C PHE A 170 -18.69 -20.57 24.73
N LYS A 171 -19.49 -20.40 25.78
CA LYS A 171 -20.15 -21.51 26.46
C LYS A 171 -21.63 -21.48 26.08
N HIS A 172 -22.14 -22.57 25.49
CA HIS A 172 -23.54 -22.66 25.05
C HIS A 172 -24.46 -23.38 26.05
N ASP A 173 -24.44 -24.71 26.03
CA ASP A 173 -25.22 -25.52 26.97
C ASP A 173 -24.27 -26.37 27.77
N GLY A 174 -23.57 -25.72 28.69
CA GLY A 174 -22.57 -26.38 29.50
C GLY A 174 -21.33 -26.73 28.71
N VAL A 175 -21.40 -26.60 27.38
CA VAL A 175 -20.30 -26.95 26.48
C VAL A 175 -19.53 -25.70 26.03
N THR A 176 -18.23 -25.66 26.33
CA THR A 176 -17.31 -24.64 25.82
C THR A 176 -16.89 -24.99 24.39
N TYR A 177 -17.21 -24.10 23.47
CA TYR A 177 -16.80 -24.24 22.07
C TYR A 177 -15.64 -23.28 21.75
N THR A 178 -14.68 -23.76 20.96
CA THR A 178 -13.59 -22.92 20.49
C THR A 178 -13.38 -23.00 18.96
N ARG A 179 -12.97 -21.88 18.37
CA ARG A 179 -12.65 -21.82 16.95
C ARG A 179 -11.33 -21.06 16.81
N GLU A 180 -10.48 -21.52 15.90
CA GLU A 180 -9.22 -20.87 15.64
C GLU A 180 -9.01 -20.89 14.15
N TYR A 181 -8.67 -19.74 13.58
CA TYR A 181 -8.49 -19.63 12.13
C TYR A 181 -7.18 -18.94 11.83
N PHE A 182 -6.44 -19.50 10.88
CA PHE A 182 -5.25 -18.84 10.36
C PHE A 182 -4.98 -19.27 8.93
N ALA A 183 -4.15 -18.51 8.24
CA ALA A 183 -3.80 -18.85 6.87
C ALA A 183 -2.30 -18.89 6.82
N SER A 184 -1.75 -20.05 6.53
CA SER A 184 -0.31 -20.28 6.60
C SER A 184 0.36 -20.02 5.25
N ASN A 185 1.40 -19.20 5.25
CA ASN A 185 2.17 -18.99 4.03
C ASN A 185 3.13 -20.20 3.79
N PRO A 186 3.85 -20.68 4.83
CA PRO A 186 4.73 -21.83 4.64
C PRO A 186 4.04 -23.09 4.08
N ASP A 187 2.78 -23.31 4.42
CA ASP A 187 2.04 -24.49 3.94
C ASP A 187 0.89 -24.18 3.00
N ASN A 188 0.79 -22.90 2.61
CA ASN A 188 -0.15 -22.47 1.58
C ASN A 188 -1.62 -22.89 1.79
N VAL A 189 -2.07 -22.84 3.04
CA VAL A 189 -3.35 -23.44 3.46
C VAL A 189 -3.99 -22.60 4.56
N MET A 190 -5.32 -22.51 4.52
CA MET A 190 -6.08 -21.89 5.59
C MET A 190 -6.52 -23.01 6.52
N VAL A 191 -6.44 -22.73 7.82
CA VAL A 191 -6.75 -23.73 8.84
C VAL A 191 -7.84 -23.21 9.76
N ALA A 192 -8.84 -24.07 10.01
CA ALA A 192 -9.82 -23.82 11.08
C ALA A 192 -9.72 -24.97 12.09
N ARG A 193 -9.44 -24.66 13.36
CA ARG A 193 -9.38 -25.67 14.42
C ARG A 193 -10.61 -25.47 15.27
N LEU A 194 -11.40 -26.53 15.41
CA LEU A 194 -12.68 -26.46 16.12
C LEU A 194 -12.71 -27.53 17.22
N THR A 195 -13.05 -27.10 18.43
CA THR A 195 -13.05 -27.99 19.61
C THR A 195 -14.40 -27.88 20.34
N ALA A 196 -14.78 -28.97 21.02
CA ALA A 196 -15.86 -28.97 22.02
C ALA A 196 -15.32 -29.54 23.33
N SER A 197 -15.74 -28.98 24.47
CA SER A 197 -15.14 -29.28 25.78
C SER A 197 -15.40 -30.72 26.23
N LYS A 198 -16.62 -31.19 25.97
CA LYS A 198 -17.02 -32.54 26.32
C LYS A 198 -17.24 -33.37 25.05
N ALA A 199 -16.91 -34.66 25.15
CA ALA A 199 -16.97 -35.58 24.01
C ALA A 199 -18.39 -35.77 23.47
N GLY A 200 -18.50 -36.03 22.18
CA GLY A 200 -19.80 -36.15 21.51
C GLY A 200 -20.48 -34.83 21.15
N LYS A 201 -19.93 -33.72 21.64
CA LYS A 201 -20.65 -32.44 21.57
C LYS A 201 -20.21 -31.43 20.49
N LEU A 202 -19.38 -31.87 19.54
CA LEU A 202 -19.05 -31.06 18.36
C LEU A 202 -19.79 -31.54 17.12
N ASN A 203 -20.89 -30.86 16.81
CA ASN A 203 -21.68 -31.18 15.63
C ASN A 203 -21.80 -29.97 14.74
N PHE A 204 -21.47 -30.12 13.46
CA PHE A 204 -21.62 -29.04 12.49
C PHE A 204 -21.62 -29.49 11.03
N ASN A 205 -22.18 -28.61 10.20
CA ASN A 205 -22.15 -28.73 8.76
C ASN A 205 -21.18 -27.67 8.21
N VAL A 206 -20.25 -28.12 7.34
CA VAL A 206 -19.35 -27.20 6.60
C VAL A 206 -19.70 -27.08 5.10
N SER A 207 -19.97 -25.83 4.66
CA SER A 207 -20.20 -25.52 3.24
C SER A 207 -19.35 -24.33 2.72
N MET A 208 -19.31 -24.16 1.39
CA MET A 208 -18.49 -23.13 0.70
C MET A 208 -19.16 -22.50 -0.55
N PRO A 209 -20.28 -21.78 -0.35
CA PRO A 209 -20.92 -21.13 -1.50
C PRO A 209 -20.05 -20.03 -2.11
N THR A 210 -19.94 -20.01 -3.45
CA THR A 210 -19.28 -18.90 -4.13
C THR A 210 -20.23 -17.73 -4.18
N ASN A 211 -19.67 -16.52 -4.29
CA ASN A 211 -20.48 -15.32 -4.45
C ASN A 211 -21.40 -15.56 -5.64
N THR A 212 -22.70 -15.34 -5.41
CA THR A 212 -23.70 -15.55 -6.45
C THR A 212 -23.60 -14.54 -7.59
N ASN A 213 -22.97 -13.39 -7.36
CA ASN A 213 -23.00 -12.28 -8.30
C ASN A 213 -21.89 -12.25 -9.36
N TYR A 214 -21.02 -13.25 -9.41
CA TYR A 214 -20.24 -13.38 -10.63
C TYR A 214 -20.76 -14.52 -11.50
N SER A 215 -20.76 -14.29 -12.81
CA SER A 215 -21.07 -15.34 -13.82
C SER A 215 -20.09 -16.50 -13.73
N LYS A 216 -20.61 -17.72 -13.89
CA LYS A 216 -19.76 -18.88 -14.05
C LYS A 216 -20.21 -19.81 -15.16
N THR A 217 -19.36 -20.79 -15.42
CA THR A 217 -19.52 -21.82 -16.43
C THR A 217 -19.14 -23.13 -15.74
N GLY A 218 -20.09 -24.08 -15.74
CA GLY A 218 -19.87 -25.41 -15.19
C GLY A 218 -19.40 -25.50 -13.74
N GLU A 219 -19.97 -24.70 -12.85
CA GLU A 219 -19.65 -24.85 -11.44
C GLU A 219 -20.21 -26.15 -10.86
N THR A 220 -19.41 -26.82 -10.02
CA THR A 220 -19.88 -27.94 -9.23
C THR A 220 -19.39 -27.87 -7.78
N THR A 221 -20.28 -28.22 -6.86
CA THR A 221 -19.87 -28.57 -5.49
C THR A 221 -19.91 -30.09 -5.38
N THR A 222 -18.88 -30.65 -4.78
CA THR A 222 -18.63 -32.08 -4.81
C THR A 222 -18.12 -32.55 -3.45
N VAL A 223 -18.51 -33.75 -3.05
CA VAL A 223 -17.99 -34.36 -1.83
C VAL A 223 -17.35 -35.70 -2.17
N LYS A 224 -16.06 -35.86 -1.85
CA LYS A 224 -15.38 -37.13 -2.12
C LYS A 224 -15.15 -37.92 -0.83
N GLY A 225 -13.99 -37.77 -0.20
CA GLY A 225 -13.77 -38.45 1.06
C GLY A 225 -14.22 -37.51 2.17
N ASP A 226 -13.24 -37.01 2.90
CA ASP A 226 -13.44 -35.98 3.90
C ASP A 226 -13.20 -34.58 3.29
N THR A 227 -13.53 -34.44 2.00
CA THR A 227 -13.14 -33.27 1.20
C THR A 227 -14.30 -32.78 0.36
N LEU A 228 -14.65 -31.49 0.49
CA LEU A 228 -15.50 -30.88 -0.53
C LEU A 228 -14.73 -29.94 -1.46
N THR A 229 -15.18 -29.90 -2.70
CA THR A 229 -14.57 -29.18 -3.80
C THR A 229 -15.65 -28.36 -4.46
N VAL A 230 -15.42 -27.05 -4.58
CA VAL A 230 -16.16 -26.18 -5.50
C VAL A 230 -15.18 -25.82 -6.63
N LYS A 231 -15.69 -25.88 -7.85
CA LYS A 231 -14.86 -26.06 -9.06
C LYS A 231 -15.61 -25.36 -10.19
N GLY A 232 -14.92 -24.51 -10.96
CA GLY A 232 -15.55 -23.90 -12.12
C GLY A 232 -14.70 -22.96 -12.95
N ALA A 233 -15.35 -22.24 -13.85
CA ALA A 233 -14.73 -21.17 -14.64
C ALA A 233 -15.55 -19.89 -14.58
N LEU A 234 -14.87 -18.76 -14.56
CA LEU A 234 -15.58 -17.47 -14.64
C LEU A 234 -16.19 -17.29 -16.02
N GLY A 235 -17.45 -16.86 -16.05
CA GLY A 235 -18.14 -16.60 -17.29
C GLY A 235 -17.64 -15.38 -18.04
N ASN A 236 -17.02 -14.43 -17.32
CA ASN A 236 -16.53 -13.23 -17.98
C ASN A 236 -15.29 -13.56 -18.81
N ASN A 237 -14.40 -14.40 -18.32
CA ASN A 237 -13.06 -14.54 -18.97
C ASN A 237 -12.48 -15.97 -19.05
N GLY A 238 -13.22 -16.96 -18.56
CA GLY A 238 -12.74 -18.34 -18.61
C GLY A 238 -11.74 -18.72 -17.50
N LEU A 239 -11.39 -17.75 -16.64
CA LEU A 239 -10.48 -18.02 -15.54
C LEU A 239 -11.00 -19.22 -14.72
N LEU A 240 -10.15 -20.22 -14.53
CA LEU A 240 -10.53 -21.41 -13.78
C LEU A 240 -10.28 -21.24 -12.29
N TYR A 241 -11.25 -21.65 -11.48
CA TYR A 241 -11.11 -21.57 -10.02
C TYR A 241 -11.47 -22.87 -9.34
N ASN A 242 -10.82 -23.12 -8.22
CA ASN A 242 -10.95 -24.36 -7.48
C ASN A 242 -10.68 -24.13 -6.00
N SER A 243 -11.64 -24.45 -5.14
CA SER A 243 -11.35 -24.44 -3.70
C SER A 243 -11.70 -25.77 -3.02
N GLN A 244 -10.97 -26.11 -1.96
CA GLN A 244 -11.17 -27.38 -1.27
C GLN A 244 -11.10 -27.33 0.24
N ILE A 245 -12.10 -27.92 0.89
CA ILE A 245 -12.09 -28.07 2.34
C ILE A 245 -11.93 -29.55 2.68
N LYS A 246 -10.86 -29.87 3.38
CA LYS A 246 -10.62 -31.23 3.86
C LYS A 246 -10.86 -31.29 5.37
N VAL A 247 -11.92 -31.99 5.76
CA VAL A 247 -12.29 -32.18 7.15
C VAL A 247 -11.50 -33.34 7.79
N VAL A 248 -10.87 -33.10 8.94
CA VAL A 248 -10.10 -34.13 9.64
C VAL A 248 -10.49 -34.25 11.14
N LEU A 249 -11.35 -35.24 11.43
CA LEU A 249 -11.77 -35.55 12.80
C LEU A 249 -10.56 -36.01 13.60
N ASP A 250 -10.51 -35.66 14.87
CA ASP A 250 -9.34 -36.01 15.68
C ASP A 250 -9.29 -37.50 15.96
N ASN A 251 -8.18 -38.11 15.51
CA ASN A 251 -7.94 -39.56 15.53
C ASN A 251 -9.18 -40.46 15.42
N GLY A 252 -9.92 -40.28 14.32
CA GLY A 252 -11.04 -41.16 13.96
C GLY A 252 -12.40 -40.76 14.48
N GLU A 253 -12.47 -40.41 15.77
CA GLU A 253 -13.73 -40.22 16.48
C GLU A 253 -14.70 -39.22 15.87
N GLY A 254 -15.90 -39.70 15.54
CA GLY A 254 -16.96 -38.86 15.01
C GLY A 254 -17.53 -39.39 13.71
N THR A 255 -18.78 -39.04 13.43
CA THR A 255 -19.38 -39.41 12.16
C THR A 255 -19.15 -38.27 11.16
N LEU A 256 -18.22 -38.49 10.24
CA LEU A 256 -18.08 -37.61 9.08
C LEU A 256 -18.83 -38.20 7.89
N SER A 257 -19.93 -37.53 7.52
CA SER A 257 -20.81 -38.00 6.46
C SER A 257 -21.05 -36.88 5.45
N GLU A 258 -21.43 -37.25 4.22
CA GLU A 258 -21.78 -36.25 3.21
C GLU A 258 -23.05 -35.54 3.65
N GLY A 259 -23.10 -34.23 3.39
CA GLY A 259 -24.25 -33.41 3.70
C GLY A 259 -25.50 -33.87 3.00
N SER A 260 -26.65 -33.58 3.61
CA SER A 260 -27.96 -34.00 3.11
C SER A 260 -28.46 -33.10 1.97
N ASP A 261 -27.54 -32.40 1.32
CA ASP A 261 -27.89 -31.62 0.12
C ASP A 261 -26.79 -31.76 -0.95
N GLY A 262 -25.86 -32.68 -0.68
CA GLY A 262 -24.78 -33.00 -1.61
C GLY A 262 -23.68 -31.96 -1.64
N ALA A 263 -23.99 -30.78 -1.10
CA ALA A 263 -23.09 -29.62 -1.12
C ALA A 263 -22.50 -29.27 0.25
N SER A 264 -22.35 -30.28 1.12
CA SER A 264 -21.75 -30.06 2.44
C SER A 264 -21.11 -31.31 3.05
N LEU A 265 -20.38 -31.13 4.15
CA LEU A 265 -19.93 -32.25 4.95
C LEU A 265 -20.42 -32.08 6.38
N LYS A 266 -20.98 -33.17 6.91
CA LYS A 266 -21.55 -33.17 8.24
C LYS A 266 -20.60 -33.87 9.22
N VAL A 267 -20.40 -33.25 10.37
CA VAL A 267 -19.59 -33.81 11.43
C VAL A 267 -20.52 -34.04 12.62
N SER A 268 -20.50 -35.25 13.18
CA SER A 268 -21.26 -35.54 14.41
C SER A 268 -20.46 -36.27 15.49
N ASP A 269 -20.80 -35.98 16.74
CA ASP A 269 -20.25 -36.65 17.93
C ASP A 269 -18.70 -36.60 18.14
N ALA A 270 -18.04 -35.56 17.61
CA ALA A 270 -16.67 -35.15 18.00
C ALA A 270 -16.84 -34.32 19.29
N LYS A 271 -15.83 -33.95 20.09
CA LYS A 271 -14.37 -33.99 19.95
C LYS A 271 -13.75 -32.77 19.27
N ALA A 272 -12.69 -32.98 18.50
CA ALA A 272 -11.89 -31.87 17.95
C ALA A 272 -11.69 -32.09 16.46
N VAL A 273 -11.81 -31.02 15.67
CA VAL A 273 -11.68 -31.14 14.21
C VAL A 273 -10.67 -30.10 13.67
N THR A 274 -9.98 -30.48 12.61
CA THR A 274 -9.14 -29.55 11.86
C THR A 274 -9.62 -29.52 10.43
N LEU A 275 -10.03 -28.35 9.96
CA LEU A 275 -10.31 -28.12 8.55
C LEU A 275 -9.07 -27.57 7.85
N TYR A 276 -8.72 -28.16 6.73
CA TYR A 276 -7.65 -27.64 5.86
C TYR A 276 -8.31 -27.11 4.59
N ILE A 277 -8.10 -25.82 4.35
CA ILE A 277 -8.79 -25.06 3.29
C ILE A 277 -7.74 -24.46 2.34
N ALA A 278 -7.97 -24.64 1.04
CA ALA A 278 -7.02 -24.22 0.02
C ALA A 278 -7.80 -23.76 -1.20
N ALA A 279 -7.23 -22.85 -1.98
CA ALA A 279 -7.88 -22.37 -3.18
C ALA A 279 -6.83 -21.87 -4.19
N ALA A 280 -7.18 -21.97 -5.47
CA ALA A 280 -6.34 -21.45 -6.54
C ALA A 280 -7.12 -21.20 -7.80
N THR A 281 -6.58 -20.32 -8.64
CA THR A 281 -7.00 -20.18 -10.02
C THR A 281 -5.84 -20.51 -10.97
N ASP A 282 -6.10 -20.51 -12.27
CA ASP A 282 -5.05 -20.57 -13.28
C ASP A 282 -4.53 -19.20 -13.75
N TYR A 283 -4.75 -18.14 -12.95
CA TYR A 283 -4.14 -16.84 -13.26
C TYR A 283 -2.61 -16.97 -13.33
N LYS A 284 -1.98 -16.17 -14.19
CA LYS A 284 -0.55 -15.94 -14.08
C LYS A 284 -0.23 -14.53 -14.55
N GLN A 285 0.74 -13.90 -13.89
CA GLN A 285 1.17 -12.57 -14.31
C GLN A 285 2.16 -12.73 -15.48
N LYS A 286 1.61 -12.90 -16.67
CA LYS A 286 2.38 -13.30 -17.82
C LYS A 286 1.68 -12.72 -19.03
N TYR A 287 2.19 -11.63 -19.57
CA TYR A 287 1.58 -11.00 -20.71
C TYR A 287 1.90 -11.80 -21.99
N PRO A 288 0.95 -11.87 -22.98
CA PRO A 288 -0.42 -11.39 -23.05
C PRO A 288 -1.51 -12.35 -22.56
N SER A 289 -1.21 -13.64 -22.36
CA SER A 289 -2.27 -14.62 -22.00
C SER A 289 -2.80 -14.57 -20.56
N TYR A 290 -1.96 -14.17 -19.60
CA TYR A 290 -2.29 -14.15 -18.16
C TYR A 290 -2.88 -15.46 -17.57
N ARG A 291 -2.31 -16.59 -18.01
CA ARG A 291 -2.80 -17.90 -17.60
C ARG A 291 -1.61 -18.82 -17.43
N THR A 292 -1.73 -19.79 -16.52
CA THR A 292 -0.68 -20.81 -16.32
C THR A 292 -0.66 -21.81 -17.49
N GLY A 293 -1.78 -21.90 -18.23
CA GLY A 293 -1.98 -22.92 -19.27
C GLY A 293 -2.39 -24.28 -18.70
N GLU A 294 -2.87 -24.29 -17.47
CA GLU A 294 -3.34 -25.51 -16.81
C GLU A 294 -4.72 -25.88 -17.30
N THR A 295 -5.04 -27.17 -17.15
CA THR A 295 -6.40 -27.68 -17.31
C THR A 295 -7.12 -27.64 -15.96
N ALA A 296 -8.45 -27.67 -16.00
CA ALA A 296 -9.26 -27.82 -14.79
C ALA A 296 -8.78 -28.96 -13.88
N ALA A 297 -8.53 -30.13 -14.48
CA ALA A 297 -8.00 -31.29 -13.74
C ALA A 297 -6.64 -31.03 -13.10
N GLU A 298 -5.74 -30.32 -13.79
CA GLU A 298 -4.47 -29.93 -13.19
C GLU A 298 -4.59 -28.98 -12.00
N VAL A 299 -5.40 -27.93 -12.15
CA VAL A 299 -5.71 -27.00 -11.04
C VAL A 299 -6.21 -27.79 -9.80
N ASN A 300 -7.14 -28.71 -10.04
CA ASN A 300 -7.67 -29.61 -9.00
C ASN A 300 -6.65 -30.49 -8.25
N THR A 301 -5.66 -31.01 -8.97
CA THR A 301 -4.58 -31.81 -8.40
C THR A 301 -3.67 -30.98 -7.52
N ARG A 302 -3.26 -29.81 -8.03
CA ARG A 302 -2.52 -28.80 -7.28
C ARG A 302 -3.13 -28.47 -5.95
N VAL A 303 -4.40 -28.05 -5.98
CA VAL A 303 -5.14 -27.66 -4.79
C VAL A 303 -5.22 -28.85 -3.82
N ALA A 304 -5.51 -30.03 -4.37
CA ALA A 304 -5.57 -31.28 -3.59
C ALA A 304 -4.30 -31.60 -2.79
N LYS A 305 -3.13 -31.41 -3.41
CA LYS A 305 -1.83 -31.62 -2.76
C LYS A 305 -1.65 -30.77 -1.52
N VAL A 306 -1.98 -29.47 -1.64
CA VAL A 306 -1.72 -28.54 -0.54
C VAL A 306 -2.48 -28.98 0.72
N VAL A 307 -3.75 -29.36 0.57
CA VAL A 307 -4.57 -29.86 1.70
C VAL A 307 -4.14 -31.26 2.15
N GLN A 308 -3.75 -32.12 1.20
CA GLN A 308 -3.19 -33.42 1.58
C GLN A 308 -1.94 -33.28 2.44
N ASP A 309 -0.97 -32.47 1.99
CA ASP A 309 0.28 -32.24 2.70
C ASP A 309 0.10 -31.56 4.05
N ALA A 310 -0.84 -30.62 4.11
CA ALA A 310 -1.17 -29.95 5.35
C ALA A 310 -1.69 -30.99 6.34
N ALA A 311 -2.68 -31.76 5.90
CA ALA A 311 -3.23 -32.85 6.71
C ALA A 311 -2.17 -33.87 7.20
N ASN A 312 -1.22 -34.24 6.33
CA ASN A 312 -0.08 -35.10 6.69
C ASN A 312 0.92 -34.51 7.67
N LYS A 313 1.13 -33.20 7.59
CA LYS A 313 1.92 -32.48 8.58
C LYS A 313 1.24 -32.51 9.94
N GLY A 314 -0.09 -32.39 9.92
CA GLY A 314 -0.89 -32.31 11.13
C GLY A 314 -0.92 -30.90 11.73
N TYR A 315 -1.96 -30.67 12.53
CA TYR A 315 -2.26 -29.38 13.13
C TYR A 315 -1.11 -28.75 13.92
N THR A 316 -0.55 -29.48 14.88
CA THR A 316 0.51 -28.90 15.73
C THR A 316 1.70 -28.45 14.88
N ALA A 317 2.08 -29.27 13.89
CA ALA A 317 3.19 -28.92 13.01
C ALA A 317 2.90 -27.70 12.14
N VAL A 318 1.77 -27.68 11.44
CA VAL A 318 1.43 -26.54 10.58
C VAL A 318 1.21 -25.27 11.37
N LYS A 319 0.54 -25.38 12.53
CA LYS A 319 0.37 -24.23 13.43
C LYS A 319 1.72 -23.67 13.87
N LYS A 320 2.66 -24.54 14.26
CA LYS A 320 3.96 -24.09 14.76
C LYS A 320 4.70 -23.33 13.66
N ALA A 321 4.66 -23.89 12.45
CA ALA A 321 5.35 -23.31 11.30
C ALA A 321 4.73 -21.97 10.88
N HIS A 322 3.42 -21.86 11.02
CA HIS A 322 2.74 -20.61 10.72
C HIS A 322 3.10 -19.53 11.73
N ILE A 323 3.00 -19.86 13.03
CA ILE A 323 3.29 -18.88 14.07
C ILE A 323 4.75 -18.44 13.97
N ASP A 324 5.63 -19.41 13.73
CA ASP A 324 7.03 -19.13 13.53
C ASP A 324 7.26 -18.10 12.42
N ASP A 325 6.66 -18.37 11.26
CA ASP A 325 6.76 -17.57 10.06
C ASP A 325 6.13 -16.19 10.28
N HIS A 326 4.89 -16.18 10.79
CA HIS A 326 4.22 -14.90 11.07
C HIS A 326 4.99 -13.99 12.05
N SER A 327 5.32 -14.54 13.22
CA SER A 327 5.92 -13.77 14.29
C SER A 327 7.34 -13.34 13.93
N ALA A 328 8.03 -14.08 13.04
CA ALA A 328 9.35 -13.68 12.57
C ALA A 328 9.33 -12.29 11.94
N ILE A 329 8.23 -11.96 11.25
CA ILE A 329 8.10 -10.63 10.65
C ILE A 329 7.37 -9.66 11.59
N TYR A 330 6.27 -10.13 12.19
CA TYR A 330 5.52 -9.28 13.12
C TYR A 330 6.38 -8.78 14.30
N ASP A 331 7.20 -9.65 14.89
CA ASP A 331 7.94 -9.25 16.09
C ASP A 331 9.20 -8.39 15.84
N ARG A 332 9.45 -8.01 14.58
CA ARG A 332 10.62 -7.19 14.29
C ARG A 332 10.56 -5.82 14.92
N VAL A 333 9.35 -5.28 15.09
CA VAL A 333 9.16 -3.91 15.53
C VAL A 333 8.33 -3.96 16.82
N LYS A 334 8.81 -3.29 17.86
CA LYS A 334 8.09 -3.17 19.10
C LYS A 334 7.87 -1.71 19.42
N ILE A 335 6.70 -1.36 19.95
CA ILE A 335 6.47 0.04 20.31
C ILE A 335 5.80 0.17 21.69
N ASP A 336 6.33 1.07 22.50
CA ASP A 336 5.79 1.27 23.85
C ASP A 336 5.59 2.75 24.10
N LEU A 337 4.32 3.17 24.07
CA LEU A 337 3.96 4.52 24.38
C LEU A 337 3.22 4.57 25.71
N GLY A 338 3.25 3.47 26.45
CA GLY A 338 2.59 3.38 27.75
C GLY A 338 1.13 2.94 27.61
N GLN A 339 0.85 2.17 26.56
CA GLN A 339 -0.46 1.61 26.29
C GLN A 339 -0.90 0.63 27.35
N SER A 340 -2.22 0.55 27.56
CA SER A 340 -2.85 -0.65 28.10
C SER A 340 -2.95 -1.72 27.00
N GLY A 341 -3.34 -2.94 27.40
CA GLY A 341 -3.64 -4.02 26.46
C GLY A 341 -4.73 -4.94 26.96
N HIS A 342 -4.94 -6.06 26.30
CA HIS A 342 -6.03 -7.00 26.65
C HIS A 342 -5.88 -7.63 28.04
N SER A 343 -4.65 -7.69 28.55
CA SER A 343 -4.30 -8.26 29.87
C SER A 343 -4.28 -7.25 31.00
N SER A 344 -4.35 -5.96 30.67
CA SER A 344 -4.31 -4.93 31.68
C SER A 344 -5.49 -5.11 32.65
N ASP A 345 -5.33 -4.67 33.89
CA ASP A 345 -6.48 -4.65 34.79
C ASP A 345 -7.41 -3.58 34.22
N GLY A 346 -8.70 -3.85 34.11
CA GLY A 346 -9.56 -2.84 33.52
C GLY A 346 -9.46 -2.70 32.00
N ALA A 347 -9.03 -3.76 31.34
CA ALA A 347 -8.90 -3.82 29.86
C ALA A 347 -10.28 -3.60 29.26
N VAL A 348 -10.35 -2.92 28.14
CA VAL A 348 -11.61 -2.71 27.46
C VAL A 348 -11.60 -3.31 26.06
N ALA A 349 -12.74 -3.77 25.58
CA ALA A 349 -12.85 -4.33 24.22
C ALA A 349 -12.53 -3.27 23.18
N THR A 350 -12.09 -3.74 22.02
CA THR A 350 -11.63 -2.82 20.97
C THR A 350 -12.73 -1.92 20.44
N ASP A 351 -13.93 -2.43 20.28
CA ASP A 351 -15.05 -1.58 19.90
C ASP A 351 -15.38 -0.49 20.94
N ALA A 352 -15.36 -0.86 22.21
CA ALA A 352 -15.60 0.08 23.26
C ALA A 352 -14.48 1.11 23.36
N LEU A 353 -13.23 0.67 23.14
CA LEU A 353 -12.09 1.57 23.11
C LEU A 353 -12.25 2.63 22.02
N LEU A 354 -12.59 2.18 20.83
CA LEU A 354 -12.79 3.12 19.73
C LEU A 354 -13.87 4.16 20.10
N LYS A 355 -14.99 3.69 20.66
CA LYS A 355 -16.06 4.62 21.06
C LYS A 355 -15.59 5.66 22.08
N ALA A 356 -14.80 5.20 23.06
CA ALA A 356 -14.20 6.05 24.10
C ALA A 356 -13.30 7.11 23.51
N TYR A 357 -12.47 6.70 22.54
CA TYR A 357 -11.53 7.59 21.89
C TYR A 357 -12.36 8.65 21.15
N GLN A 358 -13.45 8.24 20.51
CA GLN A 358 -14.31 9.18 19.75
C GLN A 358 -15.05 10.13 20.69
N ARG A 359 -15.48 9.59 21.83
CA ARG A 359 -16.20 10.37 22.85
C ARG A 359 -15.33 11.41 23.53
N GLY A 360 -14.03 11.13 23.66
CA GLY A 360 -13.15 11.95 24.48
C GLY A 360 -13.13 11.46 25.93
N SER A 361 -13.64 10.25 26.16
CA SER A 361 -13.66 9.68 27.51
C SER A 361 -12.51 8.69 27.77
N ALA A 362 -11.70 8.40 26.76
CA ALA A 362 -10.60 7.43 26.96
C ALA A 362 -9.49 8.05 27.79
N THR A 363 -8.84 7.23 28.63
CA THR A 363 -7.72 7.67 29.46
C THR A 363 -6.49 7.73 28.57
N THR A 364 -5.39 8.30 29.07
CA THR A 364 -4.16 8.34 28.29
C THR A 364 -3.75 6.94 27.84
N ALA A 365 -3.72 5.99 28.77
CA ALA A 365 -3.30 4.63 28.47
C ALA A 365 -4.17 4.02 27.37
N GLN A 366 -5.49 4.27 27.43
CA GLN A 366 -6.39 3.76 26.41
C GLN A 366 -6.20 4.43 25.06
N LYS A 367 -5.96 5.74 25.05
CA LYS A 367 -5.58 6.43 23.81
C LYS A 367 -4.33 5.80 23.20
N ARG A 368 -3.33 5.52 24.05
CA ARG A 368 -2.07 4.92 23.58
C ARG A 368 -2.30 3.48 23.06
N GLU A 369 -3.22 2.76 23.70
CA GLU A 369 -3.62 1.43 23.24
C GLU A 369 -4.21 1.52 21.83
N LEU A 370 -5.17 2.41 21.59
CA LEU A 370 -5.72 2.53 20.23
C LEU A 370 -4.69 2.96 19.18
N GLU A 371 -3.86 3.95 19.52
CA GLU A 371 -2.89 4.49 18.55
C GLU A 371 -1.87 3.42 18.20
N THR A 372 -1.41 2.69 19.20
CA THR A 372 -0.43 1.64 18.90
C THR A 372 -1.05 0.40 18.27
N LEU A 373 -2.27 0.05 18.63
CA LEU A 373 -3.00 -1.04 17.97
C LEU A 373 -3.19 -0.74 16.49
N VAL A 374 -3.59 0.48 16.15
CA VAL A 374 -3.78 0.83 14.72
C VAL A 374 -2.42 0.74 13.98
N TYR A 375 -1.37 1.16 14.66
CA TYR A 375 -0.02 1.18 14.06
C TYR A 375 0.37 -0.26 13.71
N LYS A 376 0.26 -1.11 14.72
CA LYS A 376 0.57 -2.53 14.61
C LYS A 376 -0.32 -3.26 13.60
N TYR A 377 -1.59 -2.83 13.46
CA TYR A 377 -2.51 -3.48 12.53
C TYR A 377 -2.06 -3.24 11.08
N GLY A 378 -1.49 -2.06 10.78
CA GLY A 378 -1.02 -1.76 9.44
C GLY A 378 0.12 -2.71 9.07
N ARG A 379 0.96 -3.06 10.07
CA ARG A 379 2.02 -4.07 9.81
C ARG A 379 1.39 -5.46 9.65
N TYR A 380 0.51 -5.85 10.56
CA TYR A 380 -0.27 -7.09 10.43
C TYR A 380 -0.94 -7.25 9.05
N LEU A 381 -1.58 -6.18 8.58
CA LEU A 381 -2.38 -6.29 7.34
C LEU A 381 -1.45 -6.46 6.14
N THR A 382 -0.22 -5.95 6.25
CA THR A 382 0.77 -6.14 5.18
C THR A 382 1.14 -7.63 5.10
N ILE A 383 1.42 -8.21 6.27
CA ILE A 383 1.76 -9.64 6.33
C ILE A 383 0.61 -10.47 5.73
N GLY A 384 -0.65 -10.14 6.05
CA GLY A 384 -1.80 -10.90 5.56
C GLY A 384 -2.13 -10.79 4.06
N SER A 385 -1.77 -9.67 3.45
CA SER A 385 -2.16 -9.38 2.07
C SER A 385 -1.00 -9.36 1.07
N SER A 386 0.27 -9.34 1.52
CA SER A 386 1.38 -9.03 0.59
C SER A 386 2.62 -9.76 1.07
N ARG A 387 2.80 -10.99 0.63
CA ARG A 387 3.97 -11.77 1.03
C ARG A 387 4.92 -11.89 -0.14
N GLU A 388 6.17 -12.32 0.11
CA GLU A 388 7.15 -12.44 -0.96
C GLU A 388 6.69 -13.30 -2.15
N ASN A 389 5.85 -14.30 -1.90
CA ASN A 389 5.37 -15.19 -2.94
C ASN A 389 3.93 -14.91 -3.42
N SER A 390 3.38 -13.75 -3.04
CA SER A 390 2.07 -13.36 -3.60
C SER A 390 2.26 -13.12 -5.06
N GLN A 391 1.23 -13.45 -5.82
CA GLN A 391 1.25 -13.20 -7.23
C GLN A 391 0.96 -11.72 -7.52
N LEU A 392 0.24 -11.04 -6.60
CA LEU A 392 -0.20 -9.63 -6.78
C LEU A 392 0.01 -8.82 -5.51
N PRO A 393 0.25 -7.49 -5.64
CA PRO A 393 0.40 -6.66 -4.47
C PRO A 393 -0.97 -6.51 -3.83
N SER A 394 -0.96 -5.95 -2.64
CA SER A 394 -2.22 -5.53 -1.99
C SER A 394 -3.00 -4.60 -2.93
N ASN A 395 -4.30 -4.84 -3.00
CA ASN A 395 -5.16 -3.98 -3.83
C ASN A 395 -5.88 -2.97 -2.92
N LEU A 396 -6.88 -2.26 -3.44
CA LEU A 396 -7.62 -1.27 -2.63
C LEU A 396 -8.14 -1.80 -1.31
N GLN A 397 -8.37 -3.12 -1.20
CA GLN A 397 -8.87 -3.73 0.04
C GLN A 397 -7.92 -4.77 0.62
N GLY A 398 -6.65 -4.72 0.18
CA GLY A 398 -5.65 -5.68 0.62
C GLY A 398 -5.88 -6.92 -0.21
N ILE A 399 -6.48 -7.92 0.41
CA ILE A 399 -7.07 -9.06 -0.30
C ILE A 399 -8.50 -9.37 0.15
N TRP A 400 -9.06 -8.53 1.00
CA TRP A 400 -10.34 -8.86 1.63
C TRP A 400 -11.54 -8.11 1.05
N SER A 401 -12.55 -8.86 0.63
CA SER A 401 -13.76 -8.23 0.06
C SER A 401 -14.95 -9.13 0.25
N VAL A 402 -16.13 -8.51 0.23
CA VAL A 402 -17.39 -9.27 0.29
C VAL A 402 -18.23 -9.10 -1.00
N THR A 403 -18.01 -8.01 -1.71
CA THR A 403 -18.76 -7.65 -2.92
C THR A 403 -18.18 -8.34 -4.17
N ALA A 404 -19.03 -8.56 -5.18
CA ALA A 404 -18.62 -9.14 -6.47
C ALA A 404 -19.60 -8.71 -7.56
N GLY A 405 -19.06 -8.52 -8.74
CA GLY A 405 -19.83 -8.26 -9.94
C GLY A 405 -18.83 -8.45 -11.05
N ASP A 406 -19.33 -8.70 -12.25
CA ASP A 406 -18.42 -8.99 -13.38
C ASP A 406 -17.65 -7.78 -13.89
N ASN A 407 -18.30 -6.62 -13.93
CA ASN A 407 -17.77 -5.47 -14.61
C ASN A 407 -17.09 -4.45 -13.69
N ALA A 408 -16.18 -3.66 -14.26
CA ALA A 408 -15.54 -2.58 -13.53
C ALA A 408 -16.58 -1.49 -13.28
N HIS A 409 -16.32 -0.69 -12.25
CA HIS A 409 -17.17 0.42 -11.86
C HIS A 409 -18.57 -0.07 -11.48
N GLY A 410 -18.64 -1.25 -10.90
CA GLY A 410 -19.90 -1.92 -10.62
C GLY A 410 -20.24 -2.10 -9.16
N ASN A 411 -20.41 -3.35 -8.76
CA ASN A 411 -20.81 -3.68 -7.39
C ASN A 411 -19.72 -3.45 -6.38
N THR A 412 -18.48 -3.52 -6.82
CA THR A 412 -17.34 -3.35 -5.93
C THR A 412 -16.76 -1.96 -6.12
N PRO A 413 -16.59 -1.22 -5.00
CA PRO A 413 -16.18 0.18 -5.12
C PRO A 413 -14.77 0.28 -5.75
N TRP A 414 -14.69 0.99 -6.86
CA TRP A 414 -13.45 1.16 -7.61
C TRP A 414 -12.81 -0.16 -7.96
N GLY A 415 -13.64 -1.20 -8.03
CA GLY A 415 -13.24 -2.53 -8.40
C GLY A 415 -12.28 -3.19 -7.45
N SER A 416 -12.13 -2.61 -6.26
CA SER A 416 -11.05 -3.00 -5.35
C SER A 416 -9.74 -3.23 -6.13
N ASP A 417 -9.41 -2.27 -7.00
CA ASP A 417 -8.37 -2.43 -8.01
C ASP A 417 -6.98 -1.98 -7.54
N PHE A 418 -6.10 -1.71 -8.50
CA PHE A 418 -4.77 -1.16 -8.23
C PHE A 418 -4.87 0.27 -8.72
N HIS A 419 -5.01 1.20 -7.77
CA HIS A 419 -5.26 2.61 -8.04
C HIS A 419 -3.98 3.39 -7.81
N MET A 420 -3.35 3.80 -8.90
CA MET A 420 -1.94 4.23 -8.91
C MET A 420 -1.77 5.72 -8.93
N ASN A 421 -2.80 6.45 -8.50
CA ASN A 421 -2.58 7.91 -8.28
C ASN A 421 -2.69 8.34 -6.81
N VAL A 422 -2.35 7.40 -5.92
CA VAL A 422 -2.01 7.59 -4.51
C VAL A 422 -2.19 6.31 -3.71
N ASN A 423 -3.23 5.54 -4.02
CA ASN A 423 -3.64 4.45 -3.09
C ASN A 423 -2.65 3.29 -3.07
N LEU A 424 -2.28 2.82 -4.26
CA LEU A 424 -1.31 1.70 -4.31
C LEU A 424 0.05 2.09 -3.72
N GLN A 425 0.49 3.31 -4.01
CA GLN A 425 1.67 3.90 -3.39
C GLN A 425 1.57 3.87 -1.87
N MET A 426 0.39 4.28 -1.33
CA MET A 426 0.22 4.34 0.12
C MET A 426 0.34 2.95 0.74
N ASN A 427 -0.18 1.94 0.03
CA ASN A 427 -0.11 0.54 0.50
C ASN A 427 1.32 0.16 0.84
N TYR A 428 2.27 0.75 0.13
CA TYR A 428 3.68 0.42 0.27
C TYR A 428 4.55 1.53 0.85
N TRP A 429 3.95 2.48 1.53
CA TRP A 429 4.74 3.44 2.31
C TRP A 429 5.42 2.91 3.59
N PRO A 430 4.74 2.05 4.38
CA PRO A 430 5.45 1.63 5.60
C PRO A 430 6.28 0.37 5.43
N THR A 431 6.33 -0.17 4.22
CA THR A 431 6.81 -1.54 4.02
C THR A 431 8.27 -1.68 4.45
N TYR A 432 9.05 -0.66 4.13
CA TYR A 432 10.50 -0.66 4.46
C TYR A 432 10.78 -0.13 5.83
N SER A 433 10.20 1.04 6.17
CA SER A 433 10.57 1.66 7.44
C SER A 433 10.06 0.84 8.63
N ALA A 434 8.99 0.03 8.41
CA ALA A 434 8.42 -0.82 9.46
C ALA A 434 8.98 -2.24 9.38
N ASN A 435 10.13 -2.38 8.73
CA ASN A 435 10.85 -3.67 8.69
C ASN A 435 10.07 -4.80 8.09
N MET A 436 9.50 -4.59 6.90
CA MET A 436 8.80 -5.65 6.21
C MET A 436 9.27 -5.62 4.75
N GLY A 437 10.56 -5.28 4.57
CA GLY A 437 11.17 -5.07 3.25
C GLY A 437 10.88 -6.13 2.20
N GLU A 438 10.96 -7.41 2.58
CA GLU A 438 10.74 -8.51 1.63
C GLU A 438 9.32 -8.53 1.10
N LEU A 439 8.40 -7.95 1.87
CA LEU A 439 6.99 -7.95 1.50
C LEU A 439 6.66 -6.95 0.38
N ALA A 440 7.63 -6.11 0.02
CA ALA A 440 7.52 -5.28 -1.18
C ALA A 440 7.73 -6.03 -2.51
N GLU A 441 8.20 -7.28 -2.47
CA GLU A 441 8.48 -8.03 -3.69
C GLU A 441 7.31 -8.10 -4.72
N PRO A 442 6.06 -8.42 -4.29
CA PRO A 442 4.94 -8.41 -5.26
C PRO A 442 4.69 -7.05 -5.92
N LEU A 443 4.99 -5.95 -5.21
CA LEU A 443 4.89 -4.62 -5.84
C LEU A 443 5.94 -4.51 -6.92
N ILE A 444 7.18 -4.83 -6.56
CA ILE A 444 8.23 -4.83 -7.61
C ILE A 444 7.88 -5.66 -8.84
N GLU A 445 7.44 -6.91 -8.65
CA GLU A 445 6.99 -7.74 -9.75
C GLU A 445 5.81 -7.19 -10.52
N TYR A 446 4.87 -6.56 -9.82
CA TYR A 446 3.72 -5.92 -10.48
C TYR A 446 4.18 -4.80 -11.44
N VAL A 447 5.05 -3.92 -10.97
CA VAL A 447 5.55 -2.82 -11.81
C VAL A 447 6.37 -3.43 -12.99
N GLU A 448 7.23 -4.42 -12.70
CA GLU A 448 7.90 -5.13 -13.80
C GLU A 448 6.88 -5.66 -14.79
N GLY A 449 5.75 -6.13 -14.25
CA GLY A 449 4.65 -6.68 -15.05
C GLY A 449 3.95 -5.66 -15.94
N LEU A 450 4.07 -4.38 -15.58
CA LEU A 450 3.46 -3.32 -16.38
C LEU A 450 4.25 -2.95 -17.62
N VAL A 451 5.49 -3.42 -17.70
CA VAL A 451 6.37 -3.00 -18.79
C VAL A 451 5.82 -3.44 -20.15
N LYS A 452 5.57 -4.74 -20.34
CA LYS A 452 5.05 -5.23 -21.62
C LYS A 452 3.74 -4.58 -22.07
N PRO A 453 2.67 -4.68 -21.25
CA PRO A 453 1.45 -3.99 -21.70
C PRO A 453 1.62 -2.44 -21.75
N GLY A 454 2.44 -1.88 -20.89
CA GLY A 454 2.63 -0.44 -20.90
C GLY A 454 3.39 0.04 -22.12
N ARG A 455 4.26 -0.78 -22.70
CA ARG A 455 4.86 -0.44 -24.01
C ARG A 455 3.84 -0.26 -25.12
N VAL A 456 2.75 -1.04 -25.07
CA VAL A 456 1.64 -0.85 -26.02
C VAL A 456 1.01 0.55 -25.80
N THR A 457 0.69 0.88 -24.56
CA THR A 457 0.14 2.21 -24.22
C THR A 457 1.07 3.37 -24.63
N ALA A 458 2.37 3.18 -24.37
CA ALA A 458 3.38 4.17 -24.65
C ALA A 458 3.35 4.44 -26.17
N LYS A 459 3.17 3.37 -26.95
CA LYS A 459 3.13 3.51 -28.42
C LYS A 459 1.89 4.24 -28.84
N VAL A 460 0.72 3.73 -28.40
CA VAL A 460 -0.57 4.25 -28.82
C VAL A 460 -0.73 5.71 -28.41
N TYR A 461 -0.37 6.06 -27.17
CA TYR A 461 -0.63 7.41 -26.69
C TYR A 461 0.51 8.42 -26.79
N ALA A 462 1.76 7.94 -26.85
CA ALA A 462 2.93 8.85 -26.84
C ALA A 462 3.92 8.54 -27.99
N GLY A 463 3.58 7.55 -28.83
CA GLY A 463 4.40 7.18 -30.01
C GLY A 463 5.77 6.57 -29.71
N ALA A 464 5.91 5.99 -28.52
CA ALA A 464 7.14 5.30 -28.08
C ALA A 464 6.95 3.84 -28.41
N GLU A 465 7.50 3.42 -29.55
CA GLU A 465 7.40 2.04 -30.01
C GLU A 465 8.63 1.25 -29.67
N THR A 466 8.47 0.18 -28.89
CA THR A 466 9.54 -0.78 -28.68
C THR A 466 9.44 -1.84 -29.77
N THR A 467 10.57 -2.15 -30.40
CA THR A 467 10.55 -2.93 -31.62
C THR A 467 9.86 -4.28 -31.43
N ASN A 468 10.27 -5.05 -30.43
CA ASN A 468 9.49 -6.22 -30.04
C ASN A 468 9.17 -6.07 -28.56
N PRO A 469 7.97 -5.53 -28.24
CA PRO A 469 7.68 -5.18 -26.85
C PRO A 469 7.66 -6.39 -25.88
N GLU A 470 7.53 -7.60 -26.42
CA GLU A 470 7.44 -8.83 -25.61
C GLU A 470 8.79 -9.48 -25.27
N THR A 471 9.83 -9.20 -26.04
CA THR A 471 11.11 -9.88 -25.82
C THR A 471 12.28 -8.94 -25.61
N THR A 472 12.01 -7.65 -25.59
CA THR A 472 13.04 -6.66 -25.24
C THR A 472 13.14 -6.59 -23.71
N PRO A 473 14.34 -6.84 -23.14
CA PRO A 473 14.45 -6.69 -21.69
C PRO A 473 13.97 -5.33 -21.14
N ILE A 474 13.50 -5.33 -19.89
CA ILE A 474 13.20 -4.08 -19.18
C ILE A 474 14.49 -3.26 -19.13
N GLY A 475 14.41 -1.99 -19.50
CA GLY A 475 15.57 -1.10 -19.54
C GLY A 475 16.05 -0.83 -20.96
N GLU A 476 15.71 -1.72 -21.90
CA GLU A 476 16.13 -1.61 -23.31
C GLU A 476 15.02 -1.20 -24.26
N GLY A 477 13.80 -1.07 -23.75
CA GLY A 477 12.69 -0.60 -24.60
C GLY A 477 12.56 0.93 -24.60
N GLU A 478 11.56 1.45 -25.33
CA GLU A 478 11.40 2.90 -25.56
C GLU A 478 10.58 3.61 -24.48
N GLY A 479 9.99 2.79 -23.61
CA GLY A 479 9.18 3.31 -22.51
C GLY A 479 7.91 2.55 -22.29
N TYR A 480 7.40 2.62 -21.05
CA TYR A 480 6.12 1.98 -20.73
C TYR A 480 5.28 3.01 -19.98
N MET A 481 4.00 3.09 -20.34
CA MET A 481 3.12 4.14 -19.84
C MET A 481 1.95 3.43 -19.18
N ALA A 482 1.57 3.87 -17.98
CA ALA A 482 0.33 3.39 -17.34
C ALA A 482 -0.29 4.55 -16.56
N HIS A 483 -1.55 4.39 -16.20
CA HIS A 483 -2.26 5.52 -15.62
C HIS A 483 -2.87 5.16 -14.27
N THR A 484 -4.00 5.80 -13.91
CA THR A 484 -4.59 5.60 -12.56
C THR A 484 -5.13 4.19 -12.29
N GLU A 485 -6.10 3.78 -13.09
CA GLU A 485 -6.80 2.55 -12.81
C GLU A 485 -6.08 1.37 -13.47
N ASN A 486 -5.67 0.42 -12.65
CA ASN A 486 -4.94 -0.74 -13.16
C ASN A 486 -5.58 -2.02 -12.63
N THR A 487 -5.20 -3.17 -13.19
CA THR A 487 -5.86 -4.45 -12.90
C THR A 487 -4.84 -5.59 -12.84
N ALA A 488 -5.32 -6.83 -12.79
CA ALA A 488 -4.43 -7.98 -12.83
C ALA A 488 -3.91 -8.27 -14.25
N TYR A 489 -4.41 -7.54 -15.24
CA TYR A 489 -4.27 -7.95 -16.66
C TYR A 489 -3.72 -6.86 -17.59
N GLY A 490 -2.83 -6.00 -17.06
CA GLY A 490 -2.14 -5.04 -17.90
C GLY A 490 -3.08 -4.03 -18.51
N TRP A 491 -4.04 -3.57 -17.72
CA TRP A 491 -4.92 -2.45 -18.07
C TRP A 491 -4.16 -1.13 -17.86
N THR A 492 -3.22 -0.87 -18.76
CA THR A 492 -2.34 0.31 -18.64
C THR A 492 -2.85 1.54 -19.43
N ALA A 493 -3.92 1.36 -20.19
CA ALA A 493 -4.52 2.46 -20.93
C ALA A 493 -5.01 3.58 -19.98
N PRO A 494 -5.09 4.84 -20.49
CA PRO A 494 -5.73 5.88 -19.69
C PRO A 494 -7.20 5.53 -19.63
N GLY A 495 -7.88 6.00 -18.59
CA GLY A 495 -9.30 5.72 -18.38
C GLY A 495 -10.24 6.46 -19.31
N GLN A 496 -11.52 6.17 -19.18
CA GLN A 496 -12.51 6.64 -20.15
C GLN A 496 -12.87 8.12 -19.97
N SER A 497 -12.63 8.65 -18.77
CA SER A 497 -12.73 10.07 -18.59
C SER A 497 -11.39 10.64 -18.19
N PHE A 498 -11.05 11.74 -18.84
CA PHE A 498 -9.74 12.38 -18.64
C PHE A 498 -9.47 12.86 -17.21
N SER A 499 -10.53 13.30 -16.53
CA SER A 499 -10.51 13.95 -15.22
C SER A 499 -10.41 12.97 -14.05
N TRP A 500 -9.58 11.96 -14.28
CA TRP A 500 -9.08 10.94 -13.32
C TRP A 500 -8.32 9.90 -14.12
N GLY A 501 -8.77 9.66 -15.36
CA GLY A 501 -8.20 8.57 -16.18
C GLY A 501 -6.77 8.75 -16.69
N TRP A 502 -6.34 10.01 -16.88
CA TRP A 502 -5.04 10.32 -17.47
C TRP A 502 -4.10 10.74 -16.35
N SER A 503 -3.03 9.97 -16.15
CA SER A 503 -2.07 10.26 -15.08
C SER A 503 -0.80 9.46 -15.35
N PRO A 504 -0.07 9.77 -16.43
CA PRO A 504 1.13 8.96 -16.77
C PRO A 504 2.24 9.04 -15.71
N ALA A 505 2.23 10.09 -14.89
CA ALA A 505 3.20 10.17 -13.79
C ALA A 505 2.92 9.15 -12.68
N ALA A 506 1.84 8.37 -12.82
CA ALA A 506 1.55 7.23 -11.93
C ALA A 506 2.76 6.27 -11.88
N VAL A 507 3.35 6.04 -13.02
CA VAL A 507 4.54 5.16 -13.16
C VAL A 507 5.79 5.70 -12.45
N PRO A 508 6.27 6.94 -12.80
CA PRO A 508 7.28 7.62 -11.97
C PRO A 508 6.97 7.48 -10.48
N TRP A 509 5.73 7.76 -10.05
CA TRP A 509 5.40 7.66 -8.63
C TRP A 509 5.63 6.27 -8.03
N ILE A 510 5.01 5.26 -8.63
CA ILE A 510 5.15 3.89 -8.12
C ILE A 510 6.63 3.41 -8.14
N LEU A 511 7.40 3.94 -9.08
CA LEU A 511 8.86 3.71 -9.11
C LEU A 511 9.60 4.29 -7.90
N GLN A 512 9.03 5.28 -7.23
CA GLN A 512 9.55 5.65 -5.92
C GLN A 512 9.48 4.51 -4.92
N ASN A 513 8.31 3.89 -4.82
CA ASN A 513 8.12 2.75 -3.89
C ASN A 513 9.11 1.65 -4.25
N VAL A 514 9.29 1.46 -5.54
CA VAL A 514 10.16 0.39 -6.06
C VAL A 514 11.63 0.72 -5.75
N TYR A 515 12.04 1.96 -5.98
CA TYR A 515 13.42 2.38 -5.76
C TYR A 515 13.78 2.33 -4.28
N GLU A 516 12.80 2.60 -3.42
CA GLU A 516 13.06 2.53 -1.98
C GLU A 516 13.51 1.16 -1.50
N ALA A 517 13.10 0.13 -2.22
CA ALA A 517 13.52 -1.22 -1.91
C ALA A 517 15.05 -1.29 -1.95
N TYR A 518 15.66 -0.65 -2.94
CA TYR A 518 17.10 -0.51 -2.96
C TYR A 518 17.66 0.51 -1.94
N GLU A 519 17.00 1.67 -1.80
CA GLU A 519 17.46 2.65 -0.84
C GLU A 519 17.55 2.14 0.59
N TYR A 520 16.62 1.26 0.97
CA TYR A 520 16.58 0.76 2.33
C TYR A 520 17.44 -0.48 2.56
N SER A 521 17.82 -1.16 1.50
CA SER A 521 18.52 -2.42 1.63
C SER A 521 19.99 -2.35 1.22
N GLY A 522 20.28 -1.53 0.20
CA GLY A 522 21.58 -1.58 -0.51
C GLY A 522 21.91 -2.89 -1.21
N ASP A 523 20.88 -3.69 -1.50
CA ASP A 523 21.05 -4.97 -2.21
C ASP A 523 21.37 -4.79 -3.70
N PRO A 524 22.52 -5.36 -4.19
CA PRO A 524 22.90 -5.26 -5.62
C PRO A 524 21.92 -5.88 -6.62
N ALA A 525 21.26 -6.97 -6.25
CA ALA A 525 20.28 -7.56 -7.15
C ALA A 525 19.11 -6.60 -7.36
N LEU A 526 18.71 -5.94 -6.28
CA LEU A 526 17.62 -4.94 -6.35
C LEU A 526 18.04 -3.73 -7.16
N LEU A 527 19.30 -3.32 -6.98
CA LEU A 527 19.84 -2.21 -7.74
C LEU A 527 19.68 -2.45 -9.24
N ASP A 528 20.02 -3.66 -9.69
CA ASP A 528 19.89 -3.97 -11.11
C ASP A 528 18.47 -3.87 -11.61
N ARG A 529 17.55 -4.42 -10.81
CA ARG A 529 16.12 -4.42 -11.16
C ARG A 529 15.55 -3.00 -11.18
N VAL A 530 15.90 -2.20 -10.18
CA VAL A 530 15.30 -0.84 -10.09
C VAL A 530 15.94 0.04 -11.14
N TYR A 531 17.25 -0.15 -11.35
CA TYR A 531 17.91 0.61 -12.40
C TYR A 531 17.27 0.38 -13.75
N ALA A 532 16.95 -0.88 -14.09
CA ALA A 532 16.39 -1.20 -15.40
C ALA A 532 15.03 -0.48 -15.55
N LEU A 533 14.24 -0.48 -14.48
CA LEU A 533 12.92 0.20 -14.53
C LEU A 533 13.05 1.69 -14.70
N LEU A 534 13.94 2.30 -13.93
CA LEU A 534 14.14 3.77 -13.95
C LEU A 534 14.71 4.23 -15.30
N LYS A 535 15.64 3.44 -15.83
CA LYS A 535 16.29 3.78 -17.07
C LYS A 535 15.25 3.91 -18.18
N GLU A 536 14.38 2.94 -18.30
CA GLU A 536 13.46 2.95 -19.41
C GLU A 536 12.34 4.01 -19.22
N GLU A 537 11.87 4.20 -18.00
CA GLU A 537 10.83 5.22 -17.75
C GLU A 537 11.43 6.61 -17.93
N SER A 538 12.69 6.77 -17.55
CA SER A 538 13.38 8.05 -17.69
C SER A 538 13.61 8.38 -19.18
N HIS A 539 14.09 7.37 -19.91
CA HIS A 539 14.11 7.37 -21.40
C HIS A 539 12.77 7.81 -22.03
N PHE A 540 11.70 7.16 -21.61
CA PHE A 540 10.35 7.48 -22.05
C PHE A 540 10.00 8.98 -21.86
N TYR A 541 10.13 9.47 -20.64
CA TYR A 541 9.84 10.90 -20.37
C TYR A 541 10.71 11.87 -21.12
N VAL A 542 12.02 11.62 -21.12
CA VAL A 542 12.95 12.52 -21.82
C VAL A 542 12.64 12.59 -23.33
N ASN A 543 12.41 11.44 -23.94
CA ASN A 543 12.33 11.35 -25.41
C ASN A 543 10.91 11.54 -25.96
N TYR A 544 9.88 11.31 -25.16
CA TYR A 544 8.52 11.38 -25.67
C TYR A 544 7.58 12.33 -24.93
N MET A 545 7.81 12.55 -23.64
CA MET A 545 6.82 13.29 -22.83
C MET A 545 7.14 14.75 -22.70
N LEU A 546 8.39 15.07 -22.37
CA LEU A 546 8.79 16.46 -22.06
C LEU A 546 8.76 17.38 -23.29
N HIS A 547 8.39 18.63 -23.07
CA HIS A 547 8.43 19.62 -24.14
C HIS A 547 8.68 20.97 -23.50
N LYS A 548 9.14 21.91 -24.30
CA LYS A 548 9.31 23.28 -23.81
C LYS A 548 7.90 23.88 -23.64
N ALA A 549 7.66 24.41 -22.45
CA ALA A 549 6.34 24.92 -22.09
C ALA A 549 5.97 26.16 -22.90
N GLY A 550 4.67 26.35 -23.13
CA GLY A 550 4.15 27.66 -23.57
C GLY A 550 4.02 28.66 -22.44
N SER A 551 3.42 29.81 -22.76
CA SER A 551 3.42 30.93 -21.83
C SER A 551 2.65 30.68 -20.52
N SER A 552 1.68 29.77 -20.54
CA SER A 552 0.88 29.46 -19.33
C SER A 552 1.73 28.81 -18.23
N SER A 553 2.86 28.20 -18.60
CA SER A 553 3.69 27.52 -17.61
C SER A 553 5.12 28.05 -17.50
N GLY A 554 5.42 29.14 -18.18
CA GLY A 554 6.66 29.86 -17.94
C GLY A 554 7.86 29.26 -18.65
N ASP A 555 9.03 29.48 -18.08
CA ASP A 555 10.29 29.07 -18.68
C ASP A 555 10.76 27.76 -18.07
N ARG A 556 10.35 26.67 -18.69
CA ARG A 556 10.65 25.31 -18.17
C ARG A 556 10.26 24.22 -19.16
N LEU A 557 10.85 23.04 -18.99
CA LEU A 557 10.29 21.83 -19.62
C LEU A 557 9.15 21.42 -18.75
N THR A 558 8.02 21.03 -19.36
CA THR A 558 6.97 20.38 -18.64
C THR A 558 6.67 19.07 -19.34
N THR A 559 5.71 18.33 -18.81
CA THR A 559 5.34 16.99 -19.27
C THR A 559 4.20 17.04 -20.30
N GLY A 560 3.82 18.25 -20.73
CA GLY A 560 2.71 18.38 -21.69
C GLY A 560 1.35 18.15 -21.08
N VAL A 561 0.37 17.74 -21.88
CA VAL A 561 -1.04 17.63 -21.42
C VAL A 561 -1.17 16.92 -20.04
N ALA A 562 -1.74 17.60 -19.08
CA ALA A 562 -1.71 17.11 -17.70
C ALA A 562 -3.07 17.22 -16.99
N TYR A 563 -3.25 16.39 -15.95
CA TYR A 563 -4.39 16.47 -15.03
C TYR A 563 -3.82 16.25 -13.65
N SER A 564 -4.25 17.08 -12.69
CA SER A 564 -3.77 16.94 -11.32
C SER A 564 -4.78 16.10 -10.53
N PRO A 565 -4.37 14.89 -10.06
CA PRO A 565 -5.38 14.08 -9.37
C PRO A 565 -5.95 14.82 -8.15
N GLU A 566 -7.27 14.99 -8.01
CA GLU A 566 -8.28 14.78 -9.03
C GLU A 566 -9.15 16.03 -8.96
N GLN A 567 -8.56 17.18 -9.27
CA GLN A 567 -9.35 18.43 -9.30
C GLN A 567 -8.77 19.35 -10.37
N GLY A 568 -9.50 20.42 -10.66
CA GLY A 568 -8.93 21.47 -11.48
C GLY A 568 -9.15 21.28 -12.96
N PRO A 569 -8.49 22.12 -13.77
CA PRO A 569 -8.65 22.18 -15.24
C PRO A 569 -8.14 20.90 -15.95
N LEU A 570 -8.76 20.55 -17.07
CA LEU A 570 -8.46 19.34 -17.83
C LEU A 570 -7.48 19.66 -18.97
N GLY A 571 -6.25 19.17 -18.87
CA GLY A 571 -5.33 19.28 -20.00
C GLY A 571 -4.53 20.57 -19.96
N THR A 572 -3.78 20.77 -18.87
CA THR A 572 -2.96 21.97 -18.68
C THR A 572 -1.56 21.69 -19.26
N ASP A 573 -0.69 22.71 -19.30
CA ASP A 573 0.69 22.59 -19.80
C ASP A 573 1.58 22.10 -18.66
N GLY A 574 1.57 20.80 -18.45
CA GLY A 574 2.13 20.22 -17.21
C GLY A 574 1.44 20.65 -15.92
N ASN A 575 2.04 20.29 -14.78
CA ASN A 575 1.52 20.71 -13.47
C ASN A 575 2.56 20.27 -12.44
N THR A 576 2.34 20.64 -11.18
CA THR A 576 3.32 20.41 -10.13
C THR A 576 3.44 18.91 -9.81
N TYR A 577 2.31 18.21 -9.90
CA TYR A 577 2.24 16.74 -9.71
C TYR A 577 3.24 16.06 -10.63
N GLU A 578 3.05 16.19 -11.94
CA GLU A 578 3.89 15.48 -12.91
C GLU A 578 5.34 15.95 -12.80
N SER A 579 5.57 17.26 -12.68
CA SER A 579 6.96 17.77 -12.66
C SER A 579 7.77 17.34 -11.41
N SER A 580 7.10 17.32 -10.26
CA SER A 580 7.65 16.88 -9.00
C SER A 580 8.03 15.38 -9.08
N LEU A 581 7.15 14.61 -9.68
CA LEU A 581 7.37 13.17 -9.77
C LEU A 581 8.44 12.85 -10.79
N VAL A 582 8.45 13.57 -11.91
CA VAL A 582 9.49 13.29 -12.91
C VAL A 582 10.85 13.74 -12.36
N TRP A 583 10.88 14.89 -11.66
CA TRP A 583 12.09 15.34 -10.95
C TRP A 583 12.62 14.21 -10.02
N GLN A 584 11.75 13.65 -9.19
CA GLN A 584 12.14 12.55 -8.28
C GLN A 584 12.69 11.33 -9.04
N MET A 585 11.97 10.94 -10.09
CA MET A 585 12.41 9.84 -10.92
C MET A 585 13.80 10.05 -11.55
N LEU A 586 14.04 11.23 -12.07
CA LEU A 586 15.36 11.49 -12.65
C LEU A 586 16.43 11.51 -11.53
N ASN A 587 16.05 12.05 -10.39
CA ASN A 587 16.95 12.10 -9.24
C ASN A 587 17.39 10.67 -8.90
N ASP A 588 16.41 9.78 -8.78
CA ASP A 588 16.65 8.38 -8.44
C ASP A 588 17.38 7.60 -9.53
N ALA A 589 17.01 7.84 -10.81
CA ALA A 589 17.69 7.20 -11.92
C ALA A 589 19.15 7.59 -11.87
N ILE A 590 19.44 8.85 -11.58
CA ILE A 590 20.82 9.30 -11.57
C ILE A 590 21.56 8.60 -10.42
N GLU A 591 20.91 8.52 -9.27
CA GLU A 591 21.52 7.85 -8.10
C GLU A 591 21.80 6.36 -8.38
N ALA A 592 20.88 5.67 -9.05
CA ALA A 592 21.02 4.25 -9.41
C ALA A 592 22.12 4.06 -10.45
N ALA A 593 22.14 4.91 -11.47
CA ALA A 593 23.22 4.87 -12.46
C ALA A 593 24.61 5.07 -11.83
N LYS A 594 24.76 6.11 -11.02
CA LYS A 594 25.97 6.34 -10.24
C LYS A 594 26.41 5.12 -9.39
N ALA A 595 25.46 4.48 -8.70
CA ALA A 595 25.77 3.27 -7.92
C ALA A 595 26.25 2.12 -8.80
N LYS A 596 25.84 2.10 -10.08
CA LYS A 596 26.28 1.08 -11.03
C LYS A 596 27.54 1.44 -11.84
N GLY A 597 28.06 2.67 -11.65
CA GLY A 597 29.17 3.16 -12.46
C GLY A 597 28.76 3.87 -13.75
N ASP A 598 27.46 4.18 -13.87
CA ASP A 598 26.87 4.80 -15.07
C ASP A 598 27.33 4.11 -16.37
N PRO A 599 27.13 2.77 -16.46
CA PRO A 599 27.65 2.03 -17.62
C PRO A 599 27.00 2.43 -18.94
N ASP A 600 25.83 3.08 -18.88
CA ASP A 600 25.17 3.50 -20.09
C ASP A 600 25.49 4.96 -20.50
N GLY A 601 26.18 5.71 -19.64
CA GLY A 601 26.55 7.12 -19.92
C GLY A 601 25.33 8.01 -20.07
N LEU A 602 24.40 7.89 -19.11
CA LEU A 602 23.09 8.57 -19.19
C LEU A 602 22.91 9.74 -18.23
N VAL A 603 23.73 9.80 -17.21
CA VAL A 603 23.63 10.87 -16.24
C VAL A 603 23.90 12.19 -16.90
N GLY A 604 24.97 12.27 -17.70
CA GLY A 604 25.28 13.47 -18.44
C GLY A 604 25.66 14.64 -17.53
N ASN A 605 25.31 15.84 -17.96
CA ASN A 605 25.64 17.07 -17.27
C ASN A 605 24.73 18.20 -17.68
N THR A 606 25.02 19.40 -17.21
CA THR A 606 24.18 20.54 -17.55
C THR A 606 24.90 21.53 -18.45
N THR A 607 25.86 21.04 -19.23
CA THR A 607 26.54 21.89 -20.24
C THR A 607 25.65 22.02 -21.46
N ASP A 608 25.51 23.23 -21.96
CA ASP A 608 24.69 23.51 -23.15
C ASP A 608 23.27 22.99 -22.99
N CYS A 609 22.70 23.39 -21.86
CA CYS A 609 21.43 22.87 -21.41
C CYS A 609 20.35 23.93 -21.62
N SER A 610 19.35 23.59 -22.42
CA SER A 610 18.22 24.50 -22.71
C SER A 610 16.98 23.70 -23.04
N ALA A 611 15.80 24.24 -22.75
CA ALA A 611 14.58 23.59 -23.14
C ALA A 611 14.41 23.56 -24.68
N ASP A 612 15.11 24.45 -25.39
CA ASP A 612 15.16 24.40 -26.86
C ASP A 612 15.81 23.10 -27.37
N ASN A 613 16.57 22.42 -26.50
CA ASN A 613 17.18 21.14 -26.89
C ASN A 613 16.13 20.08 -27.23
N TRP A 614 14.86 20.32 -26.87
CA TRP A 614 13.77 19.37 -27.10
C TRP A 614 12.95 19.57 -28.39
N ALA A 615 13.41 20.47 -29.24
CA ALA A 615 12.71 20.77 -30.51
C ALA A 615 12.62 19.52 -31.35
N LYS A 616 11.45 19.30 -31.93
CA LYS A 616 11.22 18.10 -32.74
C LYS A 616 10.72 18.47 -34.13
N ASN A 617 11.07 17.67 -35.13
CA ASN A 617 10.47 17.84 -36.45
C ASN A 617 9.11 17.15 -36.49
N ASP A 618 8.40 17.31 -37.60
CA ASP A 618 7.03 16.79 -37.76
C ASP A 618 6.89 15.31 -37.39
N SER A 619 7.92 14.54 -37.70
CA SER A 619 7.95 13.10 -37.44
C SER A 619 8.06 12.73 -35.95
N GLY A 620 8.39 13.71 -35.11
CA GLY A 620 8.66 13.44 -33.70
C GLY A 620 10.13 13.17 -33.41
N ASN A 621 10.99 13.15 -34.44
CA ASN A 621 12.44 13.02 -34.22
C ASN A 621 13.00 14.35 -33.77
N PHE A 622 14.00 14.33 -32.90
CA PHE A 622 14.61 15.59 -32.48
C PHE A 622 15.28 16.34 -33.62
N THR A 623 15.05 17.66 -33.62
CA THR A 623 15.59 18.57 -34.64
C THR A 623 17.11 18.50 -34.61
N ASP A 624 17.69 18.48 -33.41
CA ASP A 624 19.13 18.36 -33.24
C ASP A 624 19.42 17.05 -32.53
N ALA A 625 19.87 16.06 -33.30
CA ALA A 625 20.08 14.74 -32.77
C ALA A 625 21.06 14.73 -31.64
N ASN A 626 21.99 15.71 -31.63
CA ASN A 626 23.12 15.70 -30.70
C ASN A 626 23.05 16.67 -29.52
N ALA A 627 21.95 17.40 -29.39
CA ALA A 627 21.76 18.34 -28.27
C ALA A 627 21.72 17.59 -26.94
N ASN A 628 22.12 18.27 -25.87
CA ASN A 628 22.14 17.67 -24.55
C ASN A 628 20.70 17.48 -24.03
N ARG A 629 20.29 16.22 -23.96
CA ARG A 629 19.01 15.84 -23.34
C ARG A 629 19.26 14.78 -22.25
N SER A 630 20.38 14.92 -21.55
CA SER A 630 20.77 13.94 -20.52
C SER A 630 19.86 14.07 -19.31
N TRP A 631 19.84 13.05 -18.48
CA TRP A 631 19.08 13.07 -17.24
C TRP A 631 19.39 14.28 -16.37
N SER A 632 20.66 14.67 -16.23
CA SER A 632 20.98 15.87 -15.43
C SER A 632 20.38 17.14 -16.03
N CYS A 633 20.48 17.27 -17.34
CA CYS A 633 19.95 18.40 -18.06
C CYS A 633 18.44 18.51 -17.91
N ALA A 634 17.72 17.41 -18.17
CA ALA A 634 16.27 17.45 -18.07
C ALA A 634 15.84 17.82 -16.66
N LYS A 635 16.47 17.19 -15.67
CA LYS A 635 16.14 17.48 -14.25
C LYS A 635 16.24 18.96 -13.91
N SER A 636 17.33 19.62 -14.34
CA SER A 636 17.58 21.02 -14.03
C SER A 636 16.58 21.98 -14.71
N LEU A 637 15.81 21.47 -15.68
CA LEU A 637 14.92 22.30 -16.49
C LEU A 637 13.47 22.27 -16.08
N LEU A 638 13.13 21.33 -15.19
CA LEU A 638 11.71 21.17 -14.70
C LEU A 638 11.26 22.31 -13.82
N LYS A 639 12.11 22.79 -12.90
CA LYS A 639 11.74 23.85 -11.97
C LYS A 639 10.36 23.60 -11.32
N PRO A 640 10.20 22.45 -10.65
CA PRO A 640 8.83 21.95 -10.31
C PRO A 640 8.04 22.83 -9.33
N ILE A 641 8.75 23.53 -8.44
CA ILE A 641 8.09 24.27 -7.37
C ILE A 641 8.09 25.76 -7.65
N GLU A 642 6.88 26.33 -7.58
CA GLU A 642 6.69 27.76 -7.73
C GLU A 642 5.77 28.16 -6.56
N VAL A 643 6.05 29.30 -5.94
CA VAL A 643 5.23 29.82 -4.82
C VAL A 643 4.23 30.83 -5.39
N GLY A 644 2.96 30.69 -5.03
CA GLY A 644 1.86 31.55 -5.49
C GLY A 644 1.62 32.76 -4.59
N ASP A 645 0.53 33.48 -4.85
CA ASP A 645 0.30 34.80 -4.20
C ASP A 645 -0.38 34.73 -2.83
N SER A 646 -0.73 33.52 -2.42
CA SER A 646 -1.12 33.24 -1.03
C SER A 646 0.03 32.61 -0.26
N GLY A 647 1.23 32.61 -0.85
CA GLY A 647 2.40 31.99 -0.27
C GLY A 647 2.39 30.44 -0.29
N GLN A 648 1.47 29.88 -1.08
CA GLN A 648 1.25 28.43 -1.28
C GLN A 648 2.16 27.87 -2.39
N ILE A 649 2.41 26.56 -2.37
CA ILE A 649 2.97 25.91 -3.55
C ILE A 649 1.88 25.83 -4.59
N LYS A 650 2.15 26.38 -5.79
CA LYS A 650 1.14 26.33 -6.85
C LYS A 650 0.88 24.88 -7.28
N GLU A 651 -0.39 24.53 -7.51
CA GLU A 651 -0.73 23.20 -8.06
C GLU A 651 -0.64 23.24 -9.58
N TRP A 652 -0.91 24.41 -10.15
CA TRP A 652 -0.77 24.67 -11.60
C TRP A 652 0.07 25.90 -11.87
N TYR A 653 0.83 25.87 -12.96
CA TYR A 653 1.80 26.93 -13.23
C TYR A 653 1.14 28.28 -13.49
N PHE A 654 -0.06 28.30 -14.08
CA PHE A 654 -0.78 29.60 -14.24
C PHE A 654 -1.55 30.09 -12.98
N GLU A 655 -1.34 29.45 -11.83
CA GLU A 655 -2.06 29.78 -10.59
C GLU A 655 -1.54 31.09 -10.02
N GLY A 656 -2.45 31.89 -9.49
CA GLY A 656 -2.05 33.10 -8.81
C GLY A 656 -2.15 32.90 -7.32
N ALA A 657 -3.18 33.50 -6.74
CA ALA A 657 -3.53 33.19 -5.36
C ALA A 657 -4.11 31.76 -5.29
N LEU A 658 -4.26 31.21 -4.07
CA LEU A 658 -4.80 29.84 -3.94
C LEU A 658 -6.12 29.60 -4.69
N GLY A 659 -6.11 28.61 -5.60
CA GLY A 659 -7.35 28.27 -6.33
C GLY A 659 -7.84 29.35 -7.28
N LYS A 660 -6.98 30.34 -7.56
CA LYS A 660 -7.32 31.40 -8.53
C LYS A 660 -6.29 31.57 -9.67
N LYS A 661 -6.76 32.12 -10.80
CA LYS A 661 -5.84 32.61 -11.82
C LYS A 661 -5.28 33.98 -11.44
N LYS A 662 -4.22 34.41 -12.14
CA LYS A 662 -3.57 35.68 -11.86
C LYS A 662 -4.58 36.85 -11.97
N ASP A 663 -5.63 36.69 -12.78
CA ASP A 663 -6.60 37.80 -12.95
C ASP A 663 -7.67 37.88 -11.85
N GLY A 664 -7.59 36.93 -10.92
CA GLY A 664 -8.50 36.87 -9.78
C GLY A 664 -9.68 35.94 -9.99
N SER A 665 -9.83 35.39 -11.19
CA SER A 665 -10.91 34.44 -11.46
C SER A 665 -10.59 33.12 -10.81
N THR A 666 -11.61 32.29 -10.66
CA THR A 666 -11.52 30.98 -10.01
C THR A 666 -10.98 29.94 -10.98
N ILE A 667 -10.05 29.10 -10.49
CA ILE A 667 -9.54 28.01 -11.29
C ILE A 667 -10.68 27.00 -11.43
N SER A 668 -11.01 26.69 -12.68
CA SER A 668 -12.08 25.78 -13.03
C SER A 668 -11.88 24.39 -12.38
N GLY A 669 -12.86 23.91 -11.61
CA GLY A 669 -12.79 22.54 -11.05
C GLY A 669 -11.99 22.42 -9.76
N TYR A 670 -11.43 23.54 -9.29
CA TYR A 670 -10.78 23.62 -7.98
C TYR A 670 -11.86 23.43 -6.88
N GLN A 671 -11.56 22.61 -5.87
CA GLN A 671 -12.53 22.37 -4.77
C GLN A 671 -12.59 23.55 -3.81
N ALA A 672 -13.72 24.24 -3.81
CA ALA A 672 -13.78 25.64 -3.31
C ALA A 672 -13.45 25.82 -1.81
N ASP A 673 -13.82 24.85 -0.99
CA ASP A 673 -13.54 24.89 0.46
C ASP A 673 -12.05 24.61 0.83
N ASN A 674 -11.24 24.39 -0.19
CA ASN A 674 -9.79 24.17 -0.07
C ASN A 674 -9.40 22.77 0.45
N GLN A 675 -10.39 21.91 0.64
CA GLN A 675 -10.12 20.61 1.31
C GLN A 675 -10.03 19.45 0.35
N HIS A 676 -9.54 19.70 -0.87
CA HIS A 676 -9.46 18.56 -1.78
C HIS A 676 -8.65 17.41 -1.13
N ARG A 677 -9.17 16.20 -1.23
CA ARG A 677 -8.55 15.02 -0.62
C ARG A 677 -7.11 14.79 -1.11
N HIS A 678 -6.88 14.94 -2.41
CA HIS A 678 -5.54 14.81 -2.97
C HIS A 678 -4.71 16.02 -2.64
N MET A 679 -3.41 15.81 -2.51
CA MET A 679 -2.46 16.89 -2.40
C MET A 679 -1.35 16.58 -3.42
N SER A 680 -1.73 16.53 -4.70
CA SER A 680 -0.84 16.02 -5.75
C SER A 680 0.38 16.91 -6.02
N HIS A 681 0.28 18.17 -5.61
CA HIS A 681 1.36 19.14 -5.73
C HIS A 681 2.36 19.12 -4.59
N LEU A 682 2.12 18.30 -3.56
CA LEU A 682 3.03 18.29 -2.40
C LEU A 682 3.84 17.00 -2.31
N LEU A 683 3.85 16.24 -3.41
CA LEU A 683 4.60 14.98 -3.43
C LEU A 683 6.14 15.14 -3.30
N GLY A 684 6.66 16.31 -3.60
CA GLY A 684 8.07 16.60 -3.33
C GLY A 684 8.41 16.68 -1.86
N LEU A 685 7.43 17.02 -1.01
CA LEU A 685 7.63 17.02 0.44
C LEU A 685 7.47 15.61 1.02
N PHE A 686 6.44 14.92 0.56
CA PHE A 686 6.26 13.50 0.92
C PHE A 686 5.54 12.82 -0.24
N PRO A 687 6.02 11.63 -0.71
CA PRO A 687 7.13 10.82 -0.15
C PRO A 687 8.51 11.27 -0.63
N GLY A 688 8.57 12.31 -1.46
CA GLY A 688 9.78 12.64 -2.20
C GLY A 688 10.82 13.40 -1.38
N ASP A 689 11.87 13.84 -2.08
CA ASP A 689 13.04 14.44 -1.43
C ASP A 689 13.31 15.84 -1.96
N LEU A 690 12.35 16.39 -2.68
CA LEU A 690 12.49 17.76 -3.24
C LEU A 690 12.47 18.89 -2.19
N ILE A 691 11.60 18.73 -1.19
CA ILE A 691 11.37 19.74 -0.17
C ILE A 691 11.61 19.01 1.14
N THR A 692 12.65 19.44 1.88
CA THR A 692 13.07 18.73 3.10
C THR A 692 13.50 19.73 4.16
N ILE A 693 13.66 19.27 5.38
CA ILE A 693 14.12 20.16 6.46
C ILE A 693 15.51 20.72 6.20
N ASP A 694 16.28 20.05 5.37
CA ASP A 694 17.64 20.53 5.02
C ASP A 694 17.63 21.43 3.79
N ASN A 695 16.92 21.01 2.76
CA ASN A 695 16.69 21.84 1.58
C ASN A 695 15.29 22.42 1.68
N SER A 696 15.20 23.49 2.47
CA SER A 696 13.90 24.02 2.93
C SER A 696 13.46 25.37 2.33
N GLU A 697 14.02 25.73 1.17
CA GLU A 697 13.60 26.90 0.41
C GLU A 697 12.08 26.97 0.27
N TYR A 698 11.45 25.84 0.00
CA TYR A 698 9.98 25.81 -0.23
C TYR A 698 9.19 25.18 0.92
N MET A 699 9.84 24.98 2.06
CA MET A 699 9.17 24.43 3.24
C MET A 699 8.02 25.28 3.78
N ASP A 700 8.25 26.60 3.83
CA ASP A 700 7.19 27.49 4.30
C ASP A 700 5.96 27.40 3.38
N ALA A 701 6.18 27.37 2.07
CA ALA A 701 5.08 27.29 1.10
C ALA A 701 4.36 25.94 1.22
N ALA A 702 5.13 24.87 1.42
CA ALA A 702 4.51 23.53 1.55
C ALA A 702 3.62 23.51 2.81
N LYS A 703 4.11 24.08 3.91
CA LYS A 703 3.33 24.20 5.12
C LYS A 703 2.08 25.07 4.93
N THR A 704 2.21 26.18 4.21
CA THR A 704 1.04 27.01 3.84
C THR A 704 0.01 26.20 3.08
N SER A 705 0.46 25.47 2.05
CA SER A 705 -0.40 24.58 1.23
C SER A 705 -1.08 23.53 2.09
N LEU A 706 -0.29 22.89 2.98
CA LEU A 706 -0.85 21.91 3.94
C LEU A 706 -1.90 22.49 4.85
N ARG A 707 -1.64 23.68 5.40
CA ARG A 707 -2.61 24.31 6.28
C ARG A 707 -3.92 24.52 5.55
N TYR A 708 -3.87 25.06 4.34
CA TYR A 708 -5.11 25.24 3.58
C TYR A 708 -5.87 23.95 3.29
N ARG A 709 -5.13 22.87 3.03
CA ARG A 709 -5.69 21.57 2.70
C ARG A 709 -6.23 20.82 3.94
N CYS A 710 -5.89 21.31 5.14
CA CYS A 710 -6.28 20.62 6.39
C CYS A 710 -7.13 21.42 7.34
N PHE A 711 -7.09 22.76 7.22
CA PHE A 711 -7.76 23.65 8.18
C PHE A 711 -8.73 24.62 7.50
N LYS A 712 -9.84 24.88 8.19
CA LYS A 712 -10.67 26.08 7.90
C LYS A 712 -10.40 26.97 9.08
N GLY A 713 -9.62 28.02 8.84
CA GLY A 713 -9.08 28.84 9.92
C GLY A 713 -8.17 28.04 10.85
N ASN A 714 -8.55 27.93 12.12
CA ASN A 714 -7.74 27.20 13.09
C ASN A 714 -8.32 25.82 13.38
N VAL A 715 -9.37 25.48 12.65
CA VAL A 715 -10.16 24.27 12.92
C VAL A 715 -9.80 23.17 11.94
N LEU A 716 -9.35 22.05 12.48
CA LEU A 716 -8.91 20.89 11.70
C LEU A 716 -10.11 20.17 11.07
N GLN A 717 -10.03 19.96 9.75
CA GLN A 717 -11.11 19.34 9.01
C GLN A 717 -10.88 17.86 8.83
N SER A 718 -11.97 17.13 8.80
CA SER A 718 -11.92 15.72 8.45
C SER A 718 -11.76 15.54 6.93
N ASN A 719 -11.54 14.30 6.52
CA ASN A 719 -11.39 13.99 5.10
C ASN A 719 -11.49 12.47 4.98
N THR A 720 -11.23 11.93 3.79
CA THR A 720 -11.24 10.45 3.61
C THR A 720 -10.08 9.86 4.43
N GLY A 721 -10.18 8.59 4.80
CA GLY A 721 -9.14 7.92 5.62
C GLY A 721 -7.77 7.99 4.99
N TRP A 722 -7.69 7.70 3.70
CA TRP A 722 -6.41 7.78 3.02
C TRP A 722 -5.87 9.21 2.98
N ALA A 723 -6.78 10.18 2.81
CA ALA A 723 -6.37 11.58 2.69
C ALA A 723 -5.77 12.10 4.01
N ILE A 724 -6.38 11.70 5.12
CA ILE A 724 -5.81 11.96 6.44
C ILE A 724 -4.43 11.28 6.56
N GLY A 725 -4.34 10.04 6.10
CA GLY A 725 -3.06 9.28 6.09
C GLY A 725 -1.93 10.00 5.34
N GLN A 726 -2.21 10.52 4.15
CA GLN A 726 -1.16 11.28 3.45
C GLN A 726 -0.83 12.53 4.23
N ARG A 727 -1.83 13.17 4.86
CA ARG A 727 -1.56 14.39 5.63
C ARG A 727 -0.70 14.11 6.84
N ILE A 728 -0.90 12.97 7.50
CA ILE A 728 -0.06 12.57 8.65
C ILE A 728 1.41 12.53 8.18
N ASN A 729 1.66 11.81 7.09
CA ASN A 729 3.05 11.66 6.58
C ASN A 729 3.64 13.00 6.15
N SER A 730 2.84 13.82 5.43
CA SER A 730 3.31 15.14 4.97
C SER A 730 3.67 16.08 6.14
N TRP A 731 2.77 16.20 7.11
CA TRP A 731 3.07 16.99 8.30
C TRP A 731 4.30 16.46 9.04
N ALA A 732 4.48 15.15 9.08
CA ALA A 732 5.65 14.58 9.77
C ALA A 732 6.97 15.07 9.13
N ARG A 733 7.01 15.16 7.81
CA ARG A 733 8.23 15.54 7.11
C ARG A 733 8.61 17.00 7.39
N THR A 734 7.65 17.78 7.88
CA THR A 734 7.86 19.19 8.18
C THR A 734 8.51 19.34 9.55
N GLY A 735 8.53 18.26 10.33
CA GLY A 735 8.99 18.30 11.75
C GLY A 735 7.95 18.69 12.80
N ASP A 736 6.74 19.05 12.37
CA ASP A 736 5.69 19.45 13.31
C ASP A 736 4.96 18.24 13.90
N GLY A 737 5.52 17.68 14.99
CA GLY A 737 4.92 16.53 15.66
C GLY A 737 3.50 16.77 16.21
N ASN A 738 3.30 17.96 16.74
CA ASN A 738 2.02 18.31 17.37
C ASN A 738 0.87 18.33 16.35
N THR A 739 1.10 18.96 15.20
CA THR A 739 0.10 18.93 14.17
C THR A 739 -0.05 17.52 13.57
N THR A 740 1.06 16.85 13.29
CA THR A 740 0.98 15.44 12.87
C THR A 740 0.11 14.59 13.79
N TYR A 741 0.31 14.68 15.11
CA TYR A 741 -0.48 13.90 16.03
C TYR A 741 -1.99 14.24 15.99
N GLN A 742 -2.31 15.54 15.81
CA GLN A 742 -3.69 15.94 15.67
C GLN A 742 -4.32 15.16 14.52
N LEU A 743 -3.58 14.97 13.41
CA LEU A 743 -4.14 14.24 12.25
C LEU A 743 -4.28 12.74 12.56
N VAL A 744 -3.36 12.18 13.34
CA VAL A 744 -3.52 10.79 13.80
C VAL A 744 -4.86 10.63 14.57
N GLU A 745 -5.09 11.50 15.53
CA GLU A 745 -6.35 11.50 16.35
C GLU A 745 -7.56 11.59 15.44
N LEU A 746 -7.49 12.52 14.49
CA LEU A 746 -8.56 12.71 13.52
C LEU A 746 -8.89 11.43 12.74
N GLN A 747 -7.85 10.76 12.22
CA GLN A 747 -8.06 9.54 11.49
C GLN A 747 -8.77 8.48 12.35
N LEU A 748 -8.32 8.32 13.60
CA LEU A 748 -8.87 7.35 14.51
C LEU A 748 -10.34 7.66 14.85
N LYS A 749 -10.63 8.95 15.03
CA LYS A 749 -12.00 9.37 15.38
C LYS A 749 -12.98 9.33 14.20
N ASN A 750 -12.49 9.50 12.99
CA ASN A 750 -13.34 9.81 11.84
C ASN A 750 -13.23 8.90 10.66
N ALA A 751 -12.28 7.95 10.68
CA ALA A 751 -12.09 7.12 9.49
C ALA A 751 -11.76 5.66 9.80
N MET A 752 -12.16 5.18 10.97
CA MET A 752 -11.88 3.78 11.35
C MET A 752 -13.17 3.12 11.83
N TYR A 753 -13.46 1.94 11.28
CA TYR A 753 -14.56 1.12 11.76
C TYR A 753 -14.21 0.35 13.04
N ALA A 754 -15.20 -0.32 13.63
CA ALA A 754 -14.98 -1.11 14.88
C ALA A 754 -13.89 -2.20 14.79
N ASN A 755 -13.66 -2.69 13.56
CA ASN A 755 -12.61 -3.70 13.29
C ASN A 755 -11.31 -3.06 12.89
N LEU A 756 -11.26 -1.73 13.06
CA LEU A 756 -10.08 -0.92 12.78
C LEU A 756 -9.70 -0.81 11.31
N PHE A 757 -10.55 -1.32 10.41
CA PHE A 757 -10.44 -1.02 8.96
C PHE A 757 -10.64 0.48 8.73
N ASP A 758 -9.72 1.10 7.99
CA ASP A 758 -9.81 2.51 7.55
C ASP A 758 -10.91 2.64 6.52
N TYR A 759 -11.52 3.82 6.42
CA TYR A 759 -12.61 4.00 5.47
C TYR A 759 -12.63 5.34 4.76
N HIS A 760 -13.24 5.33 3.59
CA HIS A 760 -13.34 6.48 2.70
C HIS A 760 -14.50 7.45 2.97
N ALA A 761 -15.74 7.01 3.19
CA ALA A 761 -16.19 5.59 3.16
C ALA A 761 -16.45 5.17 1.72
N PRO A 762 -16.52 3.83 1.46
CA PRO A 762 -16.43 2.71 2.40
C PRO A 762 -15.01 2.23 2.72
N PHE A 763 -14.87 1.01 3.24
CA PHE A 763 -13.55 0.45 3.62
C PHE A 763 -12.55 0.57 2.45
N GLN A 764 -11.37 1.11 2.75
CA GLN A 764 -10.28 1.21 1.77
C GLN A 764 -9.04 1.06 2.64
N ILE A 765 -8.14 0.18 2.25
CA ILE A 765 -7.06 -0.24 3.17
C ILE A 765 -5.89 0.75 3.20
N ALA A 766 -5.72 1.58 2.17
CA ALA A 766 -4.56 2.49 2.08
C ALA A 766 -4.33 3.31 3.35
N GLY A 767 -5.38 3.89 3.93
CA GLY A 767 -5.19 4.65 5.15
C GLY A 767 -4.65 3.86 6.34
N ASN A 768 -4.96 2.57 6.44
CA ASN A 768 -4.31 1.72 7.49
C ASN A 768 -2.79 1.71 7.27
N PHE A 769 -2.39 1.53 6.02
CA PHE A 769 -0.95 1.49 5.70
C PHE A 769 -0.34 2.88 5.87
N GLY A 770 -1.11 3.93 5.50
CA GLY A 770 -0.59 5.31 5.67
C GLY A 770 -0.41 5.73 7.13
N ASN A 771 -1.27 5.22 8.00
CA ASN A 771 -1.14 5.46 9.44
C ASN A 771 0.20 4.90 9.95
N THR A 772 0.45 3.62 9.65
CA THR A 772 1.72 2.98 10.05
C THR A 772 2.95 3.78 9.58
N SER A 773 2.93 4.22 8.31
CA SER A 773 4.00 4.96 7.74
C SER A 773 4.14 6.29 8.43
N GLY A 774 3.01 6.91 8.73
CA GLY A 774 3.02 8.25 9.32
C GLY A 774 3.65 8.22 10.70
N VAL A 775 3.30 7.19 11.48
CA VAL A 775 3.87 7.03 12.83
C VAL A 775 5.39 6.79 12.70
N ASP A 776 5.79 5.94 11.77
CA ASP A 776 7.24 5.76 11.49
C ASP A 776 7.95 7.06 11.22
N GLU A 777 7.38 7.92 10.35
CA GLU A 777 8.02 9.22 10.01
C GLU A 777 8.08 10.21 11.18
N MET A 778 7.17 10.06 12.15
CA MET A 778 7.27 10.84 13.38
C MET A 778 8.51 10.45 14.19
N LEU A 779 8.82 9.17 14.17
CA LEU A 779 9.84 8.63 15.06
C LEU A 779 11.19 8.52 14.38
N LEU A 780 11.18 8.55 13.03
CA LEU A 780 12.43 8.29 12.26
C LEU A 780 12.25 8.79 10.83
N GLN A 781 13.16 9.61 10.36
CA GLN A 781 13.19 9.90 8.92
C GLN A 781 14.57 9.57 8.41
N SER A 782 14.67 9.22 7.13
CA SER A 782 15.98 8.82 6.56
C SER A 782 16.13 9.26 5.11
N ASN A 783 15.23 10.14 4.66
CA ASN A 783 15.19 10.50 3.24
C ASN A 783 15.93 11.77 2.83
N SER A 784 16.41 12.56 3.81
CA SER A 784 16.95 13.89 3.53
C SER A 784 18.49 13.88 3.33
N THR A 785 19.02 14.99 2.81
CA THR A 785 20.49 15.16 2.61
C THR A 785 20.99 16.32 3.46
N PHE A 786 21.98 16.04 4.29
CA PHE A 786 22.54 17.03 5.20
C PHE A 786 23.71 17.66 4.46
N THR A 787 23.88 18.97 4.56
CA THR A 787 25.13 19.61 4.13
C THR A 787 25.80 20.34 5.31
N ASP A 788 26.94 19.83 5.78
CA ASP A 788 27.69 20.51 6.88
C ASP A 788 28.28 21.86 6.41
N THR A 789 28.82 22.63 7.36
CA THR A 789 29.23 24.02 7.06
C THR A 789 30.34 24.07 6.01
N ALA A 790 31.06 22.95 5.86
CA ALA A 790 32.14 22.81 4.87
C ALA A 790 31.68 22.31 3.49
N GLY A 791 30.37 22.23 3.27
CA GLY A 791 29.82 21.77 2.00
C GLY A 791 29.80 20.25 1.75
N LYS A 792 30.10 19.45 2.77
CA LYS A 792 30.08 17.99 2.62
C LYS A 792 28.64 17.47 2.77
N LYS A 793 28.24 16.58 1.86
CA LYS A 793 26.87 16.04 1.85
C LYS A 793 26.76 14.67 2.49
N TYR A 794 25.73 14.49 3.30
CA TYR A 794 25.44 13.21 3.87
C TYR A 794 24.03 12.83 3.43
N VAL A 795 23.97 11.92 2.47
CA VAL A 795 22.72 11.55 1.83
C VAL A 795 22.01 10.48 2.62
N ASN A 796 20.70 10.67 2.83
CA ASN A 796 19.91 9.67 3.53
C ASN A 796 20.44 9.45 4.95
N TYR A 797 20.75 10.55 5.65
CA TYR A 797 21.18 10.48 7.05
C TYR A 797 20.03 10.01 7.93
N THR A 798 20.37 9.38 9.06
CA THR A 798 19.39 8.87 10.02
C THR A 798 18.91 9.98 10.93
N ASN A 799 17.60 10.26 10.87
CA ASN A 799 17.00 11.33 11.67
C ASN A 799 16.11 10.76 12.79
N ILE A 800 16.64 10.82 14.00
CA ILE A 800 15.98 10.25 15.17
C ILE A 800 14.97 11.25 15.71
N LEU A 801 13.72 10.79 15.89
CA LEU A 801 12.66 11.62 16.49
C LEU A 801 12.40 12.98 15.83
N PRO A 802 12.20 12.99 14.50
CA PRO A 802 12.09 14.21 13.75
C PRO A 802 10.79 14.95 13.94
N ALA A 803 9.73 14.23 14.37
CA ALA A 803 8.43 14.89 14.58
C ALA A 803 7.71 14.22 15.74
N LEU A 804 8.35 14.25 16.93
CA LEU A 804 7.80 13.65 18.12
C LEU A 804 6.71 14.55 18.70
N PRO A 805 5.46 14.07 18.83
CA PRO A 805 4.46 14.94 19.49
C PRO A 805 4.70 15.08 21.01
N ASP A 806 4.44 16.28 21.52
CA ASP A 806 4.45 16.55 22.96
C ASP A 806 3.58 15.59 23.77
N ALA A 807 2.53 15.05 23.12
CA ALA A 807 1.62 14.06 23.73
C ALA A 807 2.30 12.76 24.10
N TRP A 808 3.41 12.46 23.44
CA TRP A 808 4.12 11.20 23.69
C TRP A 808 5.42 11.58 24.39
N ALA A 809 5.30 11.94 25.67
CA ALA A 809 6.40 12.50 26.46
C ALA A 809 7.52 11.49 26.63
N GLY A 810 7.16 10.23 26.75
CA GLY A 810 8.13 9.15 26.92
C GLY A 810 7.71 7.90 26.17
N GLY A 811 8.68 7.10 25.76
CA GLY A 811 8.36 5.82 25.18
C GLY A 811 9.59 5.19 24.57
N SER A 812 9.38 4.10 23.85
CA SER A 812 10.48 3.42 23.15
C SER A 812 9.98 2.67 21.92
N VAL A 813 10.86 2.48 20.96
CA VAL A 813 10.51 1.83 19.73
C VAL A 813 11.76 1.08 19.30
N SER A 814 11.57 -0.08 18.74
CA SER A 814 12.70 -0.82 18.22
C SER A 814 12.33 -1.51 16.93
N GLY A 815 13.33 -1.73 16.07
CA GLY A 815 13.08 -2.48 14.88
C GLY A 815 12.73 -1.70 13.64
N LEU A 816 12.72 -0.37 13.73
CA LEU A 816 12.51 0.44 12.52
C LEU A 816 13.74 0.44 11.62
N VAL A 817 13.54 0.74 10.34
CA VAL A 817 14.61 0.64 9.39
C VAL A 817 14.84 1.99 8.72
N ALA A 818 16.10 2.43 8.67
CA ALA A 818 16.50 3.63 7.97
C ALA A 818 17.21 3.31 6.65
N ARG A 819 17.10 4.23 5.70
CA ARG A 819 17.78 4.10 4.41
C ARG A 819 19.28 3.97 4.65
N GLY A 820 19.94 3.22 3.78
CA GLY A 820 21.33 2.78 4.02
C GLY A 820 21.35 1.44 4.74
N ASN A 821 20.19 1.00 5.21
CA ASN A 821 20.01 -0.30 5.86
C ASN A 821 20.54 -0.30 7.31
N PHE A 822 19.96 0.57 8.13
CA PHE A 822 20.23 0.59 9.57
C PHE A 822 18.95 0.18 10.32
N THR A 823 19.05 -0.72 11.31
CA THR A 823 17.92 -0.96 12.24
C THR A 823 18.04 0.03 13.40
N VAL A 824 16.92 0.65 13.82
CA VAL A 824 16.94 1.78 14.70
C VAL A 824 15.95 1.49 15.83
N GLY A 825 16.45 1.56 17.05
CA GLY A 825 15.60 1.61 18.25
C GLY A 825 15.86 2.94 18.91
N THR A 826 14.90 3.49 19.63
CA THR A 826 15.13 4.71 20.38
C THR A 826 14.22 4.71 21.59
N THR A 827 14.75 5.24 22.68
CA THR A 827 14.04 5.40 23.96
C THR A 827 14.08 6.87 24.29
N TRP A 828 12.96 7.44 24.71
CA TRP A 828 12.94 8.85 25.07
C TRP A 828 12.14 9.12 26.38
N LYS A 829 12.48 10.22 27.04
CA LYS A 829 11.81 10.62 28.25
C LYS A 829 11.84 12.13 28.31
N ASN A 830 10.76 12.73 28.84
CA ASN A 830 10.69 14.18 28.93
C ASN A 830 10.92 14.86 27.57
N GLY A 831 10.53 14.17 26.49
CA GLY A 831 10.56 14.78 25.17
C GLY A 831 11.91 14.71 24.44
N LYS A 832 12.84 13.95 25.00
CA LYS A 832 14.22 13.85 24.49
C LYS A 832 14.75 12.43 24.53
N ALA A 833 15.50 12.03 23.50
CA ALA A 833 16.09 10.68 23.39
C ALA A 833 16.98 10.40 24.57
N THR A 834 16.87 9.21 25.11
CA THR A 834 17.80 8.77 26.14
C THR A 834 18.79 7.72 25.64
N GLU A 835 18.40 6.96 24.63
CA GLU A 835 19.23 5.92 24.00
C GLU A 835 18.80 5.78 22.55
N VAL A 836 19.77 5.71 21.64
CA VAL A 836 19.51 5.27 20.27
C VAL A 836 20.28 3.97 20.07
N ARG A 837 19.64 2.94 19.54
CA ARG A 837 20.36 1.73 19.15
C ARG A 837 20.34 1.60 17.62
N LEU A 838 21.53 1.65 17.01
CA LEU A 838 21.65 1.67 15.57
C LEU A 838 22.42 0.43 15.14
N THR A 839 21.74 -0.49 14.46
CA THR A 839 22.36 -1.71 13.96
C THR A 839 22.72 -1.50 12.48
N SER A 840 24.01 -1.55 12.17
CA SER A 840 24.43 -1.37 10.78
C SER A 840 24.33 -2.70 10.10
N ASN A 841 23.43 -2.81 9.13
CA ASN A 841 23.26 -4.09 8.42
C ASN A 841 24.16 -4.24 7.22
N LYS A 842 24.71 -3.16 6.70
CA LYS A 842 25.53 -3.26 5.48
C LYS A 842 26.95 -2.68 5.65
N GLY A 843 27.26 -2.19 6.84
CA GLY A 843 28.54 -1.52 7.07
C GLY A 843 28.69 -0.11 6.50
N LYS A 844 27.58 0.58 6.22
CA LYS A 844 27.65 1.95 5.68
C LYS A 844 28.01 2.96 6.75
N GLN A 845 28.72 4.01 6.34
CA GLN A 845 29.07 5.10 7.25
C GLN A 845 27.78 5.66 7.85
N ALA A 846 27.75 5.79 9.17
CA ALA A 846 26.59 6.37 9.86
C ALA A 846 26.63 7.88 9.90
N ALA A 847 25.45 8.48 9.80
CA ALA A 847 25.30 9.91 9.93
C ALA A 847 23.94 10.04 10.61
N VAL A 848 23.99 10.46 11.87
CA VAL A 848 22.84 10.42 12.78
C VAL A 848 22.51 11.80 13.31
N LYS A 849 21.28 12.29 13.02
CA LYS A 849 20.72 13.48 13.66
C LYS A 849 19.81 13.01 14.81
N ILE A 850 19.87 13.71 15.94
CA ILE A 850 18.93 13.48 17.05
C ILE A 850 18.12 14.75 17.16
N THR A 851 16.91 14.73 16.58
CA THR A 851 16.12 15.96 16.57
C THR A 851 15.61 16.31 17.98
N ALA A 852 15.19 15.29 18.71
CA ALA A 852 14.76 15.46 20.11
C ALA A 852 15.97 15.25 21.06
N GLY A 853 16.82 16.27 21.16
CA GLY A 853 17.99 16.17 22.05
C GLY A 853 19.27 16.80 21.56
N GLY A 854 19.55 16.70 20.26
CA GLY A 854 20.76 17.30 19.66
C GLY A 854 21.93 16.35 19.77
N ALA A 855 22.38 15.85 18.61
CA ALA A 855 23.33 14.74 18.53
C ALA A 855 24.69 15.12 19.14
N GLN A 856 24.97 16.42 19.17
CA GLN A 856 26.22 16.96 19.75
C GLN A 856 26.34 16.70 21.27
N ASN A 857 25.22 16.32 21.90
CA ASN A 857 25.14 16.07 23.33
C ASN A 857 25.28 14.60 23.68
N TYR A 858 25.53 13.79 22.64
CA TYR A 858 25.55 12.34 22.77
C TYR A 858 26.92 11.83 22.38
N GLU A 859 27.11 10.54 22.62
CA GLU A 859 28.31 9.82 22.30
C GLU A 859 27.97 8.37 21.95
N VAL A 860 28.87 7.72 21.21
CA VAL A 860 28.61 6.41 20.61
C VAL A 860 29.49 5.31 21.20
N LYS A 861 28.91 4.15 21.45
CA LYS A 861 29.67 3.01 21.91
C LYS A 861 29.30 1.80 21.08
N ASN A 862 30.26 0.87 20.98
CA ASN A 862 30.04 -0.48 20.41
C ASN A 862 30.28 -1.46 21.54
N GLY A 863 29.20 -1.86 22.21
CA GLY A 863 29.31 -2.74 23.38
C GLY A 863 30.26 -2.15 24.42
N ASP A 864 31.40 -2.81 24.63
CA ASP A 864 32.36 -2.42 25.67
C ASP A 864 33.39 -1.36 25.24
N THR A 865 33.13 -0.67 24.12
CA THR A 865 34.09 0.31 23.59
C THR A 865 33.51 1.60 23.01
N ALA A 866 34.25 2.68 23.22
CA ALA A 866 33.92 3.97 22.67
C ALA A 866 34.23 3.98 21.17
N VAL A 867 33.31 4.58 20.42
CA VAL A 867 33.43 4.74 18.99
C VAL A 867 33.81 6.19 18.73
N ASN A 868 34.81 6.43 17.88
CA ASN A 868 35.09 7.78 17.37
C ASN A 868 33.97 8.19 16.44
N ALA A 869 33.22 9.19 16.87
CA ALA A 869 32.17 9.76 16.06
C ALA A 869 32.58 11.21 15.93
N LYS A 870 32.49 11.72 14.71
CA LYS A 870 32.77 13.12 14.41
C LYS A 870 31.48 13.92 14.55
N VAL A 871 31.54 15.10 15.14
CA VAL A 871 30.38 15.97 15.19
C VAL A 871 30.52 16.96 14.06
N VAL A 872 29.50 16.96 13.18
CA VAL A 872 29.40 17.88 12.06
C VAL A 872 28.10 18.65 12.22
N THR A 873 28.13 19.92 11.82
CA THR A 873 26.96 20.76 11.96
C THR A 873 26.77 21.53 10.67
N ASN A 874 25.55 22.02 10.47
CA ASN A 874 25.24 22.88 9.33
C ASN A 874 24.98 24.32 9.77
N ALA A 875 24.65 25.17 8.80
CA ALA A 875 24.30 26.57 9.00
C ALA A 875 23.22 26.82 10.07
N ASP A 876 22.30 25.86 10.23
CA ASP A 876 21.15 26.01 11.15
C ASP A 876 21.45 25.48 12.55
N GLY A 877 22.72 25.19 12.81
CA GLY A 877 23.14 24.73 14.11
C GLY A 877 22.64 23.34 14.44
N ALA A 878 22.31 22.57 13.40
CA ALA A 878 21.95 21.19 13.63
C ALA A 878 23.20 20.34 13.46
N SER A 879 23.33 19.30 14.28
CA SER A 879 24.49 18.41 14.18
C SER A 879 24.19 16.96 13.86
N LEU A 880 25.12 16.31 13.15
CA LEU A 880 25.12 14.83 13.05
C LEU A 880 26.27 14.20 13.83
N LEU A 881 26.08 12.96 14.27
CA LEU A 881 27.22 12.14 14.67
C LEU A 881 27.58 11.31 13.45
N VAL A 882 28.85 11.40 13.04
CA VAL A 882 29.30 10.73 11.83
C VAL A 882 30.37 9.72 12.20
N PHE A 883 30.14 8.45 11.88
CA PHE A 883 31.07 7.40 12.26
C PHE A 883 31.03 6.21 11.32
N ASP A 884 32.20 5.61 11.10
CA ASP A 884 32.28 4.39 10.31
C ASP A 884 31.62 3.24 11.08
N THR A 885 31.04 2.29 10.36
CA THR A 885 30.40 1.14 11.00
C THR A 885 30.79 -0.19 10.31
N THR A 886 30.51 -1.30 10.98
CA THR A 886 30.71 -2.62 10.38
C THR A 886 29.40 -3.41 10.39
N ALA A 887 29.14 -4.16 9.33
CA ALA A 887 27.92 -4.95 9.20
C ALA A 887 27.68 -5.88 10.38
N GLY A 888 26.48 -5.82 10.95
CA GLY A 888 26.08 -6.71 12.02
C GLY A 888 26.29 -6.18 13.41
N THR A 889 26.91 -5.01 13.50
CA THR A 889 27.25 -4.39 14.78
C THR A 889 26.14 -3.44 15.19
N THR A 890 25.73 -3.49 16.46
CA THR A 890 24.79 -2.51 17.00
C THR A 890 25.53 -1.49 17.84
N TYR A 891 25.32 -0.24 17.47
CA TYR A 891 25.88 0.90 18.16
C TYR A 891 24.86 1.53 19.10
N THR A 892 25.31 1.86 20.30
CA THR A 892 24.48 2.52 21.29
C THR A 892 24.89 3.98 21.43
N ILE A 893 23.91 4.86 21.28
CA ILE A 893 24.13 6.30 21.41
C ILE A 893 23.42 6.83 22.65
N THR A 894 24.19 7.45 23.56
CA THR A 894 23.67 7.88 24.87
C THR A 894 24.19 9.29 25.18
N LYS A 895 23.50 10.01 26.06
CA LYS A 895 23.92 11.37 26.45
C LYS A 895 25.33 11.32 27.06
N LYS A 896 26.15 12.32 26.74
CA LYS A 896 27.55 12.35 27.21
C LYS A 896 27.60 12.18 28.74
N ALA A 897 28.48 11.30 29.18
CA ALA A 897 28.58 10.96 30.60
C ALA A 897 29.91 11.50 31.12
N SER A 898 29.87 12.09 32.32
CA SER A 898 31.09 12.51 33.04
C SER A 898 31.68 11.32 33.78
C1 GLC B . -18.03 9.99 -6.74
C2 GLC B . -18.06 8.73 -7.62
C3 GLC B . -16.76 7.92 -7.59
C4 GLC B . -15.57 8.85 -7.70
C5 GLC B . -15.60 9.72 -6.46
C6 GLC B . -14.39 10.64 -6.41
O1 GLC B . -18.62 9.75 -5.47
O2 GLC B . -19.08 7.83 -7.27
O3 GLC B . -16.83 7.07 -8.68
O4 GLC B . -14.36 8.11 -7.74
O5 GLC B . -16.75 10.56 -6.51
O6 GLC B . -14.63 11.67 -7.34
C1 GAL B . -13.60 8.19 -8.93
C2 GAL B . -12.11 8.01 -8.60
C3 GAL B . -11.26 7.95 -9.88
C4 GAL B . -11.84 6.86 -10.80
C5 GAL B . -13.33 7.14 -11.07
C6 GAL B . -13.93 6.00 -11.85
O2 GAL B . -11.65 8.99 -7.70
O3 GAL B . -9.96 7.62 -9.50
O4 GAL B . -11.71 5.61 -10.17
O5 GAL B . -14.02 7.19 -9.83
O6 GAL B . -15.22 6.40 -12.30
C1 FUC C . -8.91 7.98 -6.05
C2 FUC C . -9.59 8.94 -5.08
C3 FUC C . -10.95 8.34 -4.70
C4 FUC C . -10.79 6.95 -4.06
C5 FUC C . -10.02 6.07 -5.06
C6 FUC C . -9.77 4.66 -4.57
O1 FUC C . -9.76 7.90 -7.21
O2 FUC C . -9.77 10.21 -5.72
O3 FUC C . -11.65 9.29 -3.89
O4 FUC C . -10.07 7.03 -2.83
O5 FUC C . -8.77 6.69 -5.42
C1 FUL D . -8.98 8.13 -6.21
C2 FUL D . -9.51 9.02 -5.07
O2 FUL D . -9.82 10.33 -5.59
C3 FUL D . -10.76 8.45 -4.35
O3 FUL D . -10.92 9.13 -3.08
C4 FUL D . -10.61 6.95 -4.08
O4 FUL D . -9.52 6.84 -3.15
C5 FUL D . -10.27 6.22 -5.38
C6 FUL D . -10.04 4.72 -5.19
O5 FUL D . -9.05 6.74 -5.90
O1 FUL D . -7.58 8.36 -6.47
CA CA E . 14.94 8.82 -1.84
CA CA F . -1.84 -10.09 -2.63
#